data_4M7W
#
_entry.id   4M7W
#
_cell.length_a   164.877
_cell.length_b   164.877
_cell.length_c   45.527
_cell.angle_alpha   90.000
_cell.angle_beta   90.000
_cell.angle_gamma   120.000
#
_symmetry.space_group_name_H-M   'P 3 2 1'
#
loop_
_entity.id
_entity.type
_entity.pdbx_description
1 polymer 'Purine nucleoside phosphorylase DeoD-type'
2 non-polymer 'PHOSPHATE ION'
3 water water
#
_entity_poly.entity_id   1
_entity_poly.type   'polypeptide(L)'
_entity_poly.pdbx_seq_one_letter_code
;(MSE)HHHHHHSSGVDLGTENLYFQS(MSE)GTPHIGANRGDVAETILLPGDPLRAKYIAETFLEDVVQYNNVRG(MSE)
LGFTGTYKGKKVSVQGTG(MSE)GVPSIGIYSHELITEFGVKNLIRVGTAGSYQEDVKVRDVVIA(MSE)SASTDSAINK
LRFNGADYAPTASSDLVFKAYEIAKAKGLNVKAGNVFTSDTFYGDDPNAWKKWAEFGVLCVE(MSE)ETAQLYTTAAKLG
VNALTLLTISDSFITHEVTSAEERQTTFNE(MSE)IEVALETALQL
;
_entity_poly.pdbx_strand_id   A,B,C
#
loop_
_chem_comp.id
_chem_comp.type
_chem_comp.name
_chem_comp.formula
PO4 non-polymer 'PHOSPHATE ION' 'O4 P -3'
#
# COMPACT_ATOMS: atom_id res chain seq x y z
N MSE A 23 -10.06 -0.34 -9.95
CA MSE A 23 -8.90 0.05 -10.81
C MSE A 23 -7.66 -0.73 -10.43
O MSE A 23 -7.32 -0.82 -9.24
CB MSE A 23 -8.64 1.56 -10.69
CG MSE A 23 -8.80 2.12 -9.27
SE MSE A 23 -7.12 2.93 -8.63
CE MSE A 23 -7.64 4.84 -8.78
N GLY A 24 -6.99 -1.31 -11.42
CA GLY A 24 -5.72 -2.00 -11.19
C GLY A 24 -5.79 -3.52 -11.34
N THR A 25 -5.03 -4.21 -10.49
CA THR A 25 -5.04 -5.67 -10.41
C THR A 25 -5.38 -6.06 -8.98
N PRO A 26 -5.62 -7.36 -8.70
CA PRO A 26 -5.98 -7.63 -7.30
C PRO A 26 -4.82 -7.38 -6.31
N HIS A 27 -3.61 -7.15 -6.83
CA HIS A 27 -2.42 -6.97 -5.97
C HIS A 27 -1.72 -5.62 -6.15
N ILE A 28 -2.07 -4.89 -7.22
CA ILE A 28 -1.55 -3.54 -7.40
C ILE A 28 -2.68 -2.56 -7.71
N GLY A 29 -2.93 -1.64 -6.78
CA GLY A 29 -4.05 -0.73 -6.89
C GLY A 29 -3.60 0.57 -7.53
N ALA A 30 -3.35 0.51 -8.83
CA ALA A 30 -2.90 1.69 -9.59
C ALA A 30 -3.37 1.59 -11.03
N ASN A 31 -3.22 2.69 -11.76
CA ASN A 31 -3.59 2.75 -13.17
C ASN A 31 -2.38 2.62 -14.08
N ARG A 32 -2.58 2.04 -15.27
CA ARG A 32 -1.57 2.08 -16.34
C ARG A 32 -1.05 3.52 -16.52
N GLY A 33 0.27 3.67 -16.58
CA GLY A 33 0.89 4.98 -16.62
C GLY A 33 1.50 5.37 -15.29
N ASP A 34 0.98 4.82 -14.18
CA ASP A 34 1.48 5.14 -12.83
C ASP A 34 2.86 4.58 -12.52
N VAL A 35 3.24 3.55 -13.27
CA VAL A 35 4.51 2.85 -13.05
C VAL A 35 5.46 3.16 -14.23
N ALA A 36 6.70 3.52 -13.94
CA ALA A 36 7.69 3.78 -14.98
C ALA A 36 8.10 2.49 -15.71
N GLU A 37 8.78 2.61 -16.87
CA GLU A 37 9.15 1.44 -17.67
C GLU A 37 10.29 0.63 -17.05
N THR A 38 11.05 1.27 -16.16
CA THR A 38 12.09 0.57 -15.39
C THR A 38 11.73 0.64 -13.92
N ILE A 39 11.88 -0.51 -13.24
CA ILE A 39 11.50 -0.59 -11.83
C ILE A 39 12.60 -1.27 -11.04
N LEU A 40 12.86 -0.76 -9.83
CA LEU A 40 13.73 -1.44 -8.87
C LEU A 40 12.87 -2.27 -7.93
N LEU A 41 13.36 -3.46 -7.56
CA LEU A 41 12.56 -4.41 -6.80
C LEU A 41 13.27 -4.96 -5.56
N PRO A 42 13.26 -4.20 -4.48
CA PRO A 42 13.65 -4.71 -3.18
C PRO A 42 12.60 -5.74 -2.75
N GLY A 43 13.00 -6.68 -1.90
CA GLY A 43 12.03 -7.62 -1.32
C GLY A 43 11.11 -6.90 -0.32
N ASP A 44 11.70 -6.02 0.47
CA ASP A 44 11.03 -5.33 1.58
C ASP A 44 10.38 -4.03 1.12
N PRO A 45 9.05 -3.89 1.30
CA PRO A 45 8.42 -2.64 0.86
C PRO A 45 8.93 -1.41 1.65
N LEU A 46 9.42 -1.59 2.88
CA LEU A 46 10.02 -0.45 3.60
C LEU A 46 11.33 -0.02 2.96
N ARG A 47 12.05 -0.96 2.35
CA ARG A 47 13.23 -0.60 1.55
C ARG A 47 12.87 0.14 0.26
N ALA A 48 11.73 -0.18 -0.33
CA ALA A 48 11.24 0.62 -1.46
C ALA A 48 10.99 2.09 -1.03
N LYS A 49 10.44 2.26 0.15
CA LYS A 49 10.14 3.59 0.67
C LYS A 49 11.43 4.37 0.90
N TYR A 50 12.41 3.69 1.47
CA TYR A 50 13.71 4.26 1.70
C TYR A 50 14.39 4.69 0.38
N ILE A 51 14.45 3.79 -0.60
CA ILE A 51 15.04 4.11 -1.91
C ILE A 51 14.39 5.36 -2.53
N ALA A 52 13.06 5.37 -2.52
CA ALA A 52 12.28 6.47 -3.09
C ALA A 52 12.59 7.80 -2.40
N GLU A 53 12.55 7.80 -1.06
CA GLU A 53 12.88 8.99 -0.28
C GLU A 53 14.30 9.44 -0.48
N THR A 54 15.24 8.50 -0.58
CA THR A 54 16.65 8.82 -0.60
C THR A 54 17.19 9.25 -1.97
N PHE A 55 16.67 8.66 -3.04
CA PHE A 55 17.30 8.83 -4.36
C PHE A 55 16.40 9.46 -5.41
N LEU A 56 15.10 9.48 -5.16
CA LEU A 56 14.18 9.96 -6.19
C LEU A 56 13.57 11.31 -5.86
N GLU A 57 13.22 12.06 -6.91
CA GLU A 57 12.56 13.36 -6.80
C GLU A 57 11.10 13.21 -7.21
N ASP A 58 10.27 14.13 -6.73
CA ASP A 58 8.85 14.22 -7.09
C ASP A 58 8.19 12.84 -7.02
N VAL A 59 8.27 12.24 -5.84
CA VAL A 59 7.81 10.87 -5.61
C VAL A 59 6.31 10.83 -5.42
N VAL A 60 5.67 9.86 -6.07
CA VAL A 60 4.25 9.57 -5.93
C VAL A 60 4.19 8.12 -5.51
N GLN A 61 3.35 7.80 -4.52
CA GLN A 61 3.07 6.41 -4.16
C GLN A 61 1.90 5.91 -5.00
N TYR A 62 2.10 4.83 -5.76
CA TYR A 62 1.01 4.27 -6.59
C TYR A 62 0.37 3.01 -6.00
N ASN A 63 1.05 2.35 -5.04
CA ASN A 63 0.49 1.13 -4.44
C ASN A 63 0.61 1.04 -2.93
N ASN A 64 -0.49 0.58 -2.32
CA ASN A 64 -0.58 0.28 -0.91
CA ASN A 64 -0.51 0.25 -0.91
C ASN A 64 -1.32 -1.03 -0.68
N VAL A 65 -1.74 -1.68 -1.76
CA VAL A 65 -2.46 -2.95 -1.62
C VAL A 65 -1.57 -3.97 -0.88
N ARG A 66 -2.13 -4.60 0.15
CA ARG A 66 -1.39 -5.55 1.01
C ARG A 66 -0.13 -4.93 1.63
N GLY A 67 -0.11 -3.59 1.72
CA GLY A 67 1.08 -2.88 2.22
C GLY A 67 2.29 -2.97 1.30
N MSE A 68 2.10 -3.42 0.06
CA MSE A 68 3.26 -3.62 -0.83
C MSE A 68 3.58 -2.33 -1.53
O MSE A 68 3.28 -2.15 -2.72
CB MSE A 68 3.04 -4.82 -1.79
CG MSE A 68 4.36 -5.28 -2.40
SE MSE A 68 5.63 -6.00 -1.04
CE MSE A 68 4.54 -7.51 -0.39
N LEU A 69 4.23 -1.44 -0.80
CA LEU A 69 4.53 -0.08 -1.23
C LEU A 69 5.27 -0.03 -2.56
N GLY A 70 4.73 0.78 -3.47
CA GLY A 70 5.34 1.08 -4.76
C GLY A 70 5.33 2.59 -5.04
N PHE A 71 6.41 3.09 -5.61
CA PHE A 71 6.62 4.51 -5.80
C PHE A 71 7.13 4.77 -7.20
N THR A 72 6.88 5.98 -7.69
CA THR A 72 7.40 6.45 -8.96
C THR A 72 7.94 7.86 -8.76
N GLY A 73 9.19 8.08 -9.20
CA GLY A 73 9.78 9.40 -9.15
C GLY A 73 10.79 9.52 -10.29
N THR A 74 11.58 10.58 -10.26
CA THR A 74 12.63 10.73 -11.26
C THR A 74 14.02 10.60 -10.63
N TYR A 75 14.93 10.02 -11.39
CA TYR A 75 16.34 9.97 -11.05
C TYR A 75 17.10 10.65 -12.19
N LYS A 76 17.80 11.74 -11.86
CA LYS A 76 18.45 12.60 -12.86
C LYS A 76 17.52 12.91 -14.03
N GLY A 77 16.28 13.28 -13.69
CA GLY A 77 15.30 13.68 -14.69
C GLY A 77 14.53 12.56 -15.37
N LYS A 78 14.93 11.31 -15.14
CA LYS A 78 14.27 10.15 -15.78
C LYS A 78 13.31 9.43 -14.81
N LYS A 79 12.14 9.10 -15.32
CA LYS A 79 11.12 8.41 -14.55
C LYS A 79 11.61 7.01 -14.21
N VAL A 80 11.49 6.64 -12.94
CA VAL A 80 11.86 5.30 -12.47
C VAL A 80 10.89 4.90 -11.35
N SER A 81 10.52 3.63 -11.28
CA SER A 81 9.71 3.16 -10.18
C SER A 81 10.50 2.24 -9.23
N VAL A 82 9.93 2.00 -8.06
CA VAL A 82 10.50 1.11 -7.06
C VAL A 82 9.38 0.53 -6.22
N GLN A 83 9.43 -0.79 -6.03
CA GLN A 83 8.33 -1.48 -5.38
C GLN A 83 8.84 -2.71 -4.65
N GLY A 84 8.34 -2.94 -3.44
CA GLY A 84 8.55 -4.20 -2.71
C GLY A 84 7.97 -5.41 -3.45
N THR A 85 8.58 -6.58 -3.30
CA THR A 85 8.04 -7.79 -3.95
C THR A 85 7.54 -8.85 -2.96
N GLY A 86 7.90 -8.70 -1.69
CA GLY A 86 7.68 -9.81 -0.75
C GLY A 86 8.79 -10.83 -0.90
N MSE A 87 8.75 -11.88 -0.08
CA MSE A 87 9.83 -12.85 -0.05
C MSE A 87 9.37 -14.11 -0.72
O MSE A 87 8.28 -14.62 -0.45
CB MSE A 87 10.25 -13.15 1.38
CG MSE A 87 10.83 -11.93 2.09
SE MSE A 87 11.41 -12.46 3.92
CE MSE A 87 9.63 -12.74 4.72
N GLY A 88 10.19 -14.64 -1.60
CA GLY A 88 9.90 -15.95 -2.15
C GLY A 88 9.45 -15.90 -3.57
N VAL A 89 9.67 -17.02 -4.26
CA VAL A 89 9.32 -17.17 -5.65
C VAL A 89 7.85 -16.88 -5.96
N PRO A 90 6.92 -17.39 -5.12
CA PRO A 90 5.51 -17.13 -5.50
C PRO A 90 5.13 -15.64 -5.41
N SER A 91 5.66 -14.97 -4.40
CA SER A 91 5.33 -13.57 -4.18
C SER A 91 5.82 -12.71 -5.35
N ILE A 92 7.11 -12.77 -5.65
CA ILE A 92 7.63 -12.00 -6.78
C ILE A 92 7.00 -12.44 -8.12
N GLY A 93 6.56 -13.70 -8.20
CA GLY A 93 5.85 -14.20 -9.39
C GLY A 93 4.58 -13.41 -9.68
N ILE A 94 3.81 -13.13 -8.64
CA ILE A 94 2.63 -12.28 -8.75
C ILE A 94 2.99 -10.86 -9.19
N TYR A 95 3.89 -10.20 -8.46
CA TYR A 95 4.22 -8.79 -8.75
C TYR A 95 4.88 -8.58 -10.10
N SER A 96 5.87 -9.41 -10.44
CA SER A 96 6.54 -9.23 -11.72
C SER A 96 5.57 -9.44 -12.89
N HIS A 97 4.75 -10.49 -12.82
CA HIS A 97 3.74 -10.73 -13.86
C HIS A 97 2.76 -9.57 -14.11
N GLU A 98 2.21 -9.04 -13.02
CA GLU A 98 1.28 -7.90 -13.11
C GLU A 98 1.95 -6.62 -13.61
N LEU A 99 3.15 -6.33 -13.10
CA LEU A 99 3.91 -5.15 -13.52
C LEU A 99 4.18 -5.15 -15.03
N ILE A 100 4.61 -6.32 -15.54
CA ILE A 100 4.92 -6.47 -16.96
C ILE A 100 3.65 -6.42 -17.82
N THR A 101 2.65 -7.25 -17.50
CA THR A 101 1.47 -7.42 -18.37
C THR A 101 0.42 -6.32 -18.24
N GLU A 102 0.31 -5.73 -17.05
CA GLU A 102 -0.71 -4.70 -16.81
C GLU A 102 -0.18 -3.28 -16.81
N PHE A 103 1.09 -3.10 -16.43
CA PHE A 103 1.63 -1.75 -16.27
C PHE A 103 2.75 -1.44 -17.25
N GLY A 104 3.01 -2.36 -18.16
CA GLY A 104 3.97 -2.14 -19.23
C GLY A 104 5.42 -1.99 -18.84
N VAL A 105 5.83 -2.58 -17.70
CA VAL A 105 7.23 -2.53 -17.29
C VAL A 105 8.11 -3.35 -18.24
N LYS A 106 9.24 -2.77 -18.66
CA LYS A 106 10.16 -3.38 -19.62
C LYS A 106 11.46 -3.86 -19.03
N ASN A 107 11.91 -3.18 -17.96
CA ASN A 107 13.18 -3.47 -17.30
C ASN A 107 12.97 -3.60 -15.81
N LEU A 108 13.34 -4.75 -15.27
CA LEU A 108 13.08 -5.06 -13.86
C LEU A 108 14.42 -5.35 -13.21
N ILE A 109 14.78 -4.58 -12.18
CA ILE A 109 16.07 -4.77 -11.53
C ILE A 109 15.83 -5.07 -10.05
N ARG A 110 16.01 -6.32 -9.65
CA ARG A 110 15.91 -6.65 -8.24
C ARG A 110 17.13 -6.09 -7.53
N VAL A 111 16.92 -5.54 -6.34
CA VAL A 111 18.04 -5.06 -5.52
C VAL A 111 17.86 -5.67 -4.14
N GLY A 112 18.67 -6.66 -3.82
CA GLY A 112 18.42 -7.44 -2.58
C GLY A 112 19.66 -7.69 -1.76
N THR A 113 19.50 -8.57 -0.78
CA THR A 113 20.57 -9.00 0.09
C THR A 113 20.69 -10.49 -0.14
N ALA A 114 21.84 -11.04 0.21
CA ALA A 114 22.10 -12.47 0.03
C ALA A 114 23.15 -12.94 1.04
N GLY A 115 23.15 -14.24 1.32
CA GLY A 115 24.19 -14.88 2.15
C GLY A 115 25.22 -15.55 1.28
N SER A 116 26.49 -15.24 1.53
CA SER A 116 27.60 -15.78 0.74
C SER A 116 27.86 -17.25 1.01
N TYR A 117 28.12 -17.98 -0.07
CA TYR A 117 28.50 -19.39 -0.02
C TYR A 117 30.00 -19.57 -0.32
N GLN A 118 30.72 -18.47 -0.53
CA GLN A 118 32.12 -18.54 -1.02
C GLN A 118 33.03 -17.63 -0.22
N GLU A 119 34.26 -18.10 0.04
CA GLU A 119 35.22 -17.32 0.82
C GLU A 119 35.61 -16.02 0.12
N ASP A 120 35.69 -16.04 -1.21
CA ASP A 120 36.06 -14.82 -1.95
C ASP A 120 34.85 -13.96 -2.35
N VAL A 121 33.67 -14.35 -1.86
CA VAL A 121 32.47 -13.51 -1.92
C VAL A 121 32.25 -12.93 -0.53
N LYS A 122 32.84 -11.77 -0.27
CA LYS A 122 32.91 -11.21 1.09
C LYS A 122 31.73 -10.31 1.41
N VAL A 123 31.42 -10.20 2.71
CA VAL A 123 30.34 -9.30 3.14
C VAL A 123 30.61 -7.89 2.56
N ARG A 124 29.54 -7.24 2.10
CA ARG A 124 29.63 -5.91 1.48
C ARG A 124 30.10 -5.91 0.02
N ASP A 125 30.38 -7.10 -0.53
CA ASP A 125 30.59 -7.26 -1.97
C ASP A 125 29.24 -7.09 -2.68
N VAL A 126 29.27 -6.81 -3.97
CA VAL A 126 28.04 -6.77 -4.77
C VAL A 126 28.09 -7.94 -5.76
N VAL A 127 26.99 -8.69 -5.83
CA VAL A 127 26.89 -9.84 -6.72
C VAL A 127 25.88 -9.50 -7.79
N ILE A 128 26.26 -9.74 -9.05
CA ILE A 128 25.34 -9.67 -10.18
C ILE A 128 24.96 -11.09 -10.53
N ALA A 129 23.69 -11.42 -10.44
CA ALA A 129 23.21 -12.76 -10.85
C ALA A 129 23.19 -12.95 -12.34
N MSE A 130 24.15 -13.70 -12.90
CA MSE A 130 24.06 -14.08 -14.32
C MSE A 130 22.93 -15.08 -14.55
O MSE A 130 22.28 -15.09 -15.62
CB MSE A 130 25.34 -14.72 -14.82
CG MSE A 130 26.39 -13.66 -15.13
SE MSE A 130 28.11 -14.58 -15.45
CE MSE A 130 27.60 -15.68 -17.02
N SER A 131 22.67 -15.90 -13.53
CA SER A 131 21.67 -16.97 -13.62
C SER A 131 21.23 -17.36 -12.20
N ALA A 132 20.19 -18.19 -12.09
CA ALA A 132 19.70 -18.59 -10.77
C ALA A 132 19.39 -20.07 -10.78
N SER A 133 20.05 -20.80 -9.90
CA SER A 133 19.72 -22.16 -9.55
C SER A 133 18.54 -22.05 -8.59
N THR A 134 17.76 -23.12 -8.44
CA THR A 134 16.64 -23.09 -7.48
C THR A 134 16.19 -24.47 -7.01
N ASP A 135 15.58 -24.54 -5.84
CA ASP A 135 14.83 -25.72 -5.45
C ASP A 135 13.31 -25.52 -5.54
N SER A 136 12.89 -24.40 -6.11
CA SER A 136 11.47 -24.23 -6.41
C SER A 136 11.10 -25.19 -7.54
N ALA A 137 9.86 -25.63 -7.58
CA ALA A 137 9.42 -26.54 -8.63
C ALA A 137 8.79 -25.84 -9.83
N ILE A 138 8.82 -24.50 -9.85
CA ILE A 138 8.12 -23.78 -10.94
C ILE A 138 8.49 -24.22 -12.37
N ASN A 139 9.76 -24.48 -12.64
CA ASN A 139 10.15 -24.85 -13.99
C ASN A 139 10.20 -26.35 -14.23
N LYS A 140 10.43 -27.10 -13.15
CA LYS A 140 10.39 -28.57 -13.20
C LYS A 140 9.02 -28.98 -13.74
N LEU A 141 7.98 -28.31 -13.26
CA LEU A 141 6.62 -28.55 -13.74
C LEU A 141 6.45 -28.15 -15.20
N ARG A 142 6.91 -26.95 -15.54
CA ARG A 142 6.79 -26.40 -16.91
C ARG A 142 7.51 -27.23 -18.00
N PHE A 143 8.73 -27.67 -17.73
CA PHE A 143 9.55 -28.41 -18.72
C PHE A 143 9.61 -29.93 -18.53
N ASN A 144 8.55 -30.51 -17.97
CA ASN A 144 8.42 -31.96 -17.83
C ASN A 144 9.58 -32.59 -17.08
N GLY A 145 10.06 -31.94 -16.03
CA GLY A 145 11.21 -32.48 -15.27
C GLY A 145 12.61 -32.16 -15.76
N ALA A 146 12.73 -31.48 -16.90
CA ALA A 146 14.04 -30.98 -17.36
C ALA A 146 14.51 -29.76 -16.53
N ASP A 147 15.77 -29.34 -16.76
CA ASP A 147 16.41 -28.22 -16.05
C ASP A 147 16.52 -26.97 -16.88
N TYR A 148 15.60 -26.02 -16.67
CA TYR A 148 15.68 -24.70 -17.28
C TYR A 148 16.59 -23.82 -16.41
N ALA A 149 17.50 -23.09 -17.04
CA ALA A 149 18.39 -22.18 -16.31
C ALA A 149 17.92 -20.72 -16.47
N PRO A 150 17.23 -20.17 -15.44
CA PRO A 150 16.80 -18.78 -15.52
C PRO A 150 18.01 -17.86 -15.63
N THR A 151 17.99 -16.99 -16.65
CA THR A 151 19.18 -16.22 -17.03
C THR A 151 18.90 -14.73 -17.15
N ALA A 152 19.85 -13.90 -16.72
CA ALA A 152 19.73 -12.43 -16.75
C ALA A 152 19.82 -11.93 -18.19
N SER A 153 19.27 -10.74 -18.44
CA SER A 153 19.47 -10.02 -19.70
C SER A 153 20.93 -9.56 -19.78
N SER A 154 21.65 -10.02 -20.78
CA SER A 154 23.07 -9.65 -20.91
C SER A 154 23.34 -8.14 -20.99
N ASP A 155 22.50 -7.41 -21.72
CA ASP A 155 22.68 -5.96 -21.80
C ASP A 155 22.73 -5.31 -20.41
N LEU A 156 21.86 -5.78 -19.52
CA LEU A 156 21.81 -5.26 -18.16
C LEU A 156 23.00 -5.74 -17.31
N VAL A 157 23.40 -6.99 -17.48
CA VAL A 157 24.58 -7.53 -16.79
C VAL A 157 25.81 -6.67 -17.16
N PHE A 158 26.01 -6.45 -18.46
CA PHE A 158 27.18 -5.72 -18.96
C PHE A 158 27.20 -4.27 -18.50
N LYS A 159 26.04 -3.60 -18.54
CA LYS A 159 25.98 -2.21 -18.11
C LYS A 159 26.24 -2.08 -16.62
N ALA A 160 25.60 -2.96 -15.83
CA ALA A 160 25.77 -2.93 -14.38
C ALA A 160 27.22 -3.22 -13.95
N TYR A 161 27.84 -4.23 -14.55
CA TYR A 161 29.24 -4.57 -14.27
C TYR A 161 30.21 -3.40 -14.49
N GLU A 162 30.08 -2.74 -15.64
CA GLU A 162 30.94 -1.63 -16.00
C GLU A 162 30.74 -0.44 -15.06
N ILE A 163 29.50 -0.22 -14.63
CA ILE A 163 29.20 0.87 -13.70
C ILE A 163 29.84 0.53 -12.35
N ALA A 164 29.52 -0.64 -11.82
CA ALA A 164 30.08 -1.10 -10.52
C ALA A 164 31.61 -1.05 -10.50
N LYS A 165 32.25 -1.56 -11.56
CA LYS A 165 33.71 -1.51 -11.68
C LYS A 165 34.25 -0.09 -11.64
N ALA A 166 33.69 0.79 -12.46
CA ALA A 166 34.10 2.20 -12.50
C ALA A 166 33.80 2.93 -11.18
N LYS A 167 32.85 2.40 -10.41
CA LYS A 167 32.56 2.92 -9.08
C LYS A 167 33.62 2.41 -8.08
N GLY A 168 34.52 1.56 -8.55
CA GLY A 168 35.53 0.96 -7.69
C GLY A 168 35.02 -0.18 -6.82
N LEU A 169 33.80 -0.63 -7.06
CA LEU A 169 33.20 -1.70 -6.22
C LEU A 169 33.76 -3.09 -6.46
N ASN A 170 33.76 -3.89 -5.40
CA ASN A 170 34.13 -5.30 -5.48
C ASN A 170 32.94 -6.09 -6.00
N VAL A 171 32.93 -6.33 -7.31
CA VAL A 171 31.78 -6.94 -7.97
C VAL A 171 32.11 -8.36 -8.46
N LYS A 172 31.17 -9.28 -8.27
CA LYS A 172 31.26 -10.65 -8.78
C LYS A 172 30.03 -10.90 -9.62
N ALA A 173 30.16 -11.74 -10.62
CA ALA A 173 29.05 -12.05 -11.51
C ALA A 173 28.99 -13.55 -11.65
N GLY A 174 27.83 -14.14 -11.33
CA GLY A 174 27.76 -15.60 -11.40
C GLY A 174 26.41 -16.18 -11.08
N ASN A 175 26.41 -17.45 -10.70
CA ASN A 175 25.20 -18.14 -10.33
C ASN A 175 24.84 -17.96 -8.85
N VAL A 176 23.57 -17.67 -8.60
CA VAL A 176 23.04 -17.52 -7.23
C VAL A 176 21.98 -18.61 -7.02
N PHE A 177 21.69 -18.93 -5.76
CA PHE A 177 20.70 -19.97 -5.45
C PHE A 177 19.43 -19.32 -4.92
N THR A 178 18.30 -19.53 -5.64
CA THR A 178 16.96 -19.08 -5.24
C THR A 178 16.34 -20.18 -4.38
N SER A 179 16.35 -19.95 -3.05
CA SER A 179 15.87 -20.93 -2.10
C SER A 179 14.36 -20.79 -1.85
N ASP A 180 13.68 -21.92 -1.78
CA ASP A 180 12.28 -21.97 -1.39
C ASP A 180 12.12 -22.02 0.13
N THR A 181 13.17 -22.41 0.85
CA THR A 181 13.03 -22.71 2.28
C THR A 181 14.11 -21.99 3.07
N PHE A 182 13.72 -20.99 3.87
CA PHE A 182 14.66 -20.29 4.75
C PHE A 182 15.12 -21.18 5.91
N TYR A 183 14.19 -21.85 6.59
CA TYR A 183 14.53 -22.75 7.69
C TYR A 183 14.51 -24.22 7.26
N GLY A 184 15.59 -24.67 6.62
CA GLY A 184 15.66 -26.06 6.12
C GLY A 184 16.03 -27.09 7.17
N ASP A 185 15.72 -28.36 6.89
CA ASP A 185 16.00 -29.51 7.77
C ASP A 185 17.51 -29.70 8.02
N ASP A 186 18.34 -29.35 7.04
CA ASP A 186 19.75 -29.74 7.03
C ASP A 186 20.69 -28.53 6.99
N PRO A 187 21.42 -28.30 8.10
CA PRO A 187 22.39 -27.22 8.26
C PRO A 187 23.50 -27.22 7.20
N ASN A 188 23.88 -28.38 6.70
CA ASN A 188 25.00 -28.50 5.75
C ASN A 188 24.62 -28.53 4.26
N ALA A 189 23.32 -28.42 3.97
CA ALA A 189 22.81 -28.64 2.63
C ALA A 189 23.35 -27.62 1.60
N TRP A 190 23.60 -26.38 2.05
CA TRP A 190 24.21 -25.35 1.19
C TRP A 190 25.55 -25.76 0.56
N LYS A 191 26.27 -26.67 1.23
CA LYS A 191 27.63 -27.01 0.83
C LYS A 191 27.75 -27.63 -0.55
N LYS A 192 26.79 -28.49 -0.90
CA LYS A 192 26.67 -29.09 -2.21
C LYS A 192 26.65 -27.99 -3.27
N TRP A 193 25.80 -27.00 -3.05
CA TRP A 193 25.68 -25.85 -3.99
C TRP A 193 26.98 -25.05 -4.04
N ALA A 194 27.56 -24.74 -2.87
CA ALA A 194 28.87 -24.10 -2.79
C ALA A 194 29.99 -24.85 -3.55
N GLU A 195 30.03 -26.17 -3.47
CA GLU A 195 31.00 -26.97 -4.23
C GLU A 195 30.87 -26.78 -5.75
N PHE A 196 29.65 -26.49 -6.19
CA PHE A 196 29.43 -26.30 -7.62
C PHE A 196 29.41 -24.82 -8.03
N GLY A 197 30.07 -23.99 -7.22
CA GLY A 197 30.35 -22.60 -7.58
C GLY A 197 29.28 -21.56 -7.30
N VAL A 198 28.15 -21.96 -6.72
CA VAL A 198 27.08 -21.00 -6.39
C VAL A 198 27.60 -19.92 -5.43
N LEU A 199 27.36 -18.66 -5.79
CA LEU A 199 27.94 -17.52 -5.08
C LEU A 199 27.29 -17.24 -3.74
N CYS A 200 25.96 -17.38 -3.70
CA CYS A 200 25.15 -16.91 -2.58
C CYS A 200 23.71 -17.33 -2.73
N VAL A 201 22.95 -17.14 -1.65
CA VAL A 201 21.56 -17.59 -1.57
C VAL A 201 20.64 -16.38 -1.37
N GLU A 202 19.52 -16.37 -2.09
CA GLU A 202 18.49 -15.36 -1.92
C GLU A 202 17.16 -16.07 -2.22
N MSE A 203 16.04 -15.35 -2.41
CA MSE A 203 14.76 -16.08 -2.56
C MSE A 203 13.86 -15.64 -3.68
O MSE A 203 12.68 -15.97 -3.67
CB MSE A 203 13.98 -16.06 -1.23
CG MSE A 203 14.78 -16.75 -0.11
SE MSE A 203 13.75 -16.71 1.57
CE MSE A 203 12.54 -18.21 1.20
N GLU A 204 14.38 -14.93 -4.68
CA GLU A 204 13.45 -14.38 -5.68
C GLU A 204 13.86 -14.54 -7.13
N THR A 205 15.16 -14.64 -7.38
CA THR A 205 15.72 -14.41 -8.73
C THR A 205 15.29 -15.43 -9.80
N ALA A 206 15.19 -16.72 -9.45
CA ALA A 206 14.83 -17.68 -10.50
C ALA A 206 13.47 -17.33 -11.08
N GLN A 207 12.55 -16.86 -10.23
CA GLN A 207 11.23 -16.47 -10.70
C GLN A 207 11.29 -15.21 -11.55
N LEU A 208 12.02 -14.20 -11.08
CA LEU A 208 12.16 -12.95 -11.83
C LEU A 208 12.67 -13.19 -13.24
N TYR A 209 13.77 -13.94 -13.35
CA TYR A 209 14.39 -14.22 -14.67
C TYR A 209 13.51 -15.08 -15.58
N THR A 210 12.78 -16.05 -15.00
CA THR A 210 11.89 -16.91 -15.79
C THR A 210 10.74 -16.09 -16.38
N THR A 211 10.08 -15.29 -15.52
CA THR A 211 8.96 -14.45 -15.91
C THR A 211 9.35 -13.42 -16.98
N ALA A 212 10.48 -12.74 -16.80
CA ALA A 212 10.96 -11.76 -17.78
C ALA A 212 11.25 -12.42 -19.13
N ALA A 213 11.86 -13.60 -19.07
CA ALA A 213 12.13 -14.35 -20.30
C ALA A 213 10.84 -14.72 -21.01
N LYS A 214 9.87 -15.27 -20.27
CA LYS A 214 8.58 -15.66 -20.85
C LYS A 214 7.87 -14.50 -21.53
N LEU A 215 7.92 -13.34 -20.88
CA LEU A 215 7.19 -12.17 -21.34
C LEU A 215 8.03 -11.25 -22.24
N GLY A 216 9.28 -11.65 -22.52
CA GLY A 216 10.08 -10.94 -23.52
C GLY A 216 10.62 -9.60 -23.06
N VAL A 217 10.86 -9.47 -21.76
CA VAL A 217 11.38 -8.23 -21.18
C VAL A 217 12.74 -8.48 -20.49
N ASN A 218 13.27 -7.44 -19.84
CA ASN A 218 14.65 -7.42 -19.36
C ASN A 218 14.73 -7.43 -17.84
N ALA A 219 15.62 -8.26 -17.32
CA ALA A 219 15.70 -8.41 -15.87
C ALA A 219 17.14 -8.58 -15.40
N LEU A 220 17.40 -8.14 -14.18
CA LEU A 220 18.72 -8.19 -13.60
C LEU A 220 18.55 -8.24 -12.10
N THR A 221 19.36 -9.05 -11.43
CA THR A 221 19.40 -9.02 -9.98
C THR A 221 20.75 -8.57 -9.50
N LEU A 222 20.74 -7.56 -8.61
CA LEU A 222 21.92 -7.12 -7.90
C LEU A 222 21.72 -7.46 -6.42
N LEU A 223 22.79 -7.88 -5.78
CA LEU A 223 22.71 -8.35 -4.40
C LEU A 223 23.89 -7.85 -3.60
N THR A 224 23.60 -7.30 -2.42
CA THR A 224 24.65 -6.95 -1.47
C THR A 224 24.83 -8.12 -0.51
N ILE A 225 26.07 -8.48 -0.22
CA ILE A 225 26.28 -9.63 0.65
C ILE A 225 26.19 -9.19 2.11
N SER A 226 25.13 -9.66 2.78
CA SER A 226 24.79 -9.15 4.11
C SER A 226 25.36 -10.03 5.22
N ASP A 227 25.53 -11.32 4.92
CA ASP A 227 26.20 -12.27 5.80
C ASP A 227 26.94 -13.38 5.02
N SER A 228 27.66 -14.23 5.74
CA SER A 228 28.45 -15.30 5.14
C SER A 228 28.20 -16.63 5.84
N PHE A 229 28.00 -17.69 5.06
CA PHE A 229 27.96 -19.06 5.59
C PHE A 229 29.36 -19.55 5.96
N ILE A 230 30.38 -18.79 5.62
CA ILE A 230 31.73 -19.21 5.82
C ILE A 230 32.42 -18.43 6.93
N THR A 231 32.35 -17.10 6.86
CA THR A 231 32.92 -16.29 7.92
C THR A 231 31.81 -15.73 8.81
N HIS A 232 32.16 -15.06 9.89
CA HIS A 232 31.13 -14.50 10.75
C HIS A 232 31.43 -13.04 11.06
N GLU A 233 31.94 -12.34 10.05
CA GLU A 233 32.26 -10.93 10.14
C GLU A 233 31.03 -10.07 10.50
N VAL A 234 31.25 -9.10 11.38
CA VAL A 234 30.22 -8.15 11.81
C VAL A 234 30.41 -6.77 11.13
N THR A 235 29.31 -6.15 10.72
CA THR A 235 29.35 -4.85 10.05
C THR A 235 28.37 -3.88 10.70
N SER A 236 28.77 -2.61 10.84
CA SER A 236 27.90 -1.62 11.42
C SER A 236 26.72 -1.27 10.49
N ALA A 237 25.67 -0.69 11.06
CA ALA A 237 24.50 -0.25 10.28
C ALA A 237 24.89 0.86 9.29
N GLU A 238 25.80 1.75 9.70
CA GLU A 238 26.35 2.78 8.79
C GLU A 238 27.11 2.16 7.60
N GLU A 239 27.93 1.16 7.90
CA GLU A 239 28.67 0.36 6.91
C GLU A 239 27.71 -0.32 5.93
N ARG A 240 26.63 -0.90 6.47
CA ARG A 240 25.63 -1.62 5.69
C ARG A 240 24.81 -0.67 4.82
N GLN A 241 24.48 0.49 5.37
CA GLN A 241 23.78 1.53 4.63
C GLN A 241 24.60 2.04 3.43
N THR A 242 25.87 2.35 3.67
CA THR A 242 26.79 2.83 2.61
C THR A 242 26.88 1.85 1.42
N THR A 243 27.03 0.56 1.72
CA THR A 243 27.17 -0.46 0.69
C THR A 243 25.85 -0.59 -0.08
N PHE A 244 24.74 -0.61 0.65
CA PHE A 244 23.42 -0.67 0.05
C PHE A 244 23.17 0.51 -0.90
N ASN A 245 23.53 1.71 -0.46
CA ASN A 245 23.42 2.90 -1.30
C ASN A 245 24.23 2.81 -2.59
N GLU A 246 25.42 2.25 -2.49
CA GLU A 246 26.28 2.00 -3.65
C GLU A 246 25.56 1.10 -4.67
N MSE A 247 24.95 0.02 -4.19
CA MSE A 247 24.19 -0.92 -5.05
C MSE A 247 23.04 -0.23 -5.73
O MSE A 247 22.79 -0.48 -6.91
CB MSE A 247 23.59 -2.07 -4.23
CG MSE A 247 22.33 -2.67 -4.90
SE MSE A 247 21.88 -4.39 -4.05
CE MSE A 247 23.78 -4.84 -4.28
N ILE A 248 22.33 0.63 -5.00
CA ILE A 248 21.18 1.31 -5.53
C ILE A 248 21.65 2.27 -6.63
N GLU A 249 22.78 2.94 -6.40
CA GLU A 249 23.36 3.82 -7.38
C GLU A 249 23.69 3.09 -8.68
N VAL A 250 24.28 1.89 -8.55
CA VAL A 250 24.56 1.03 -9.70
C VAL A 250 23.26 0.71 -10.43
N ALA A 251 22.24 0.30 -9.68
CA ALA A 251 20.93 -0.01 -10.27
C ALA A 251 20.33 1.22 -10.97
N LEU A 252 20.38 2.38 -10.30
CA LEU A 252 19.84 3.60 -10.90
C LEU A 252 20.64 4.16 -12.09
N GLU A 253 21.98 4.08 -12.03
CA GLU A 253 22.81 4.46 -13.18
C GLU A 253 22.61 3.48 -14.34
N THR A 254 22.36 2.21 -14.01
CA THR A 254 21.96 1.26 -15.04
C THR A 254 20.62 1.68 -15.66
N ALA A 255 19.62 1.91 -14.81
CA ALA A 255 18.30 2.39 -15.25
C ALA A 255 18.41 3.56 -16.25
N LEU A 256 19.29 4.51 -15.95
CA LEU A 256 19.53 5.68 -16.80
C LEU A 256 19.88 5.34 -18.25
N GLN A 257 20.57 4.23 -18.46
CA GLN A 257 21.09 3.88 -19.79
C GLN A 257 20.19 2.92 -20.59
N LEU A 258 18.95 2.72 -20.13
CA LEU A 258 18.03 1.79 -20.81
C LEU A 258 16.94 2.52 -21.61
N THR B 25 12.97 -14.01 14.53
CA THR B 25 13.82 -12.86 14.95
C THR B 25 14.18 -11.97 13.76
N PRO B 26 14.93 -12.48 12.76
CA PRO B 26 15.19 -11.60 11.64
C PRO B 26 13.91 -11.03 11.03
N HIS B 27 12.79 -11.74 11.17
CA HIS B 27 11.57 -11.27 10.51
C HIS B 27 10.46 -10.73 11.41
N ILE B 28 10.48 -11.06 12.70
CA ILE B 28 9.47 -10.52 13.62
C ILE B 28 10.20 -9.78 14.71
N GLY B 29 9.98 -8.46 14.77
CA GLY B 29 10.68 -7.56 15.69
C GLY B 29 9.97 -7.44 17.04
N ALA B 30 10.05 -8.50 17.85
CA ALA B 30 9.34 -8.58 19.11
C ALA B 30 9.97 -9.63 20.01
N ASN B 31 9.54 -9.67 21.26
CA ASN B 31 10.05 -10.64 22.24
C ASN B 31 9.03 -11.73 22.55
N ARG B 32 9.50 -12.91 22.93
CA ARG B 32 8.61 -13.94 23.48
C ARG B 32 7.77 -13.30 24.56
N GLY B 33 6.47 -13.60 24.57
CA GLY B 33 5.55 -12.95 25.50
C GLY B 33 4.64 -11.95 24.79
N ASP B 34 5.15 -11.33 23.72
CA ASP B 34 4.39 -10.31 22.97
C ASP B 34 3.27 -10.93 22.11
N VAL B 35 3.43 -12.21 21.76
CA VAL B 35 2.49 -12.91 20.88
C VAL B 35 1.74 -13.94 21.72
N ALA B 36 0.44 -14.07 21.49
CA ALA B 36 -0.38 -15.06 22.20
C ALA B 36 -0.13 -16.47 21.68
N GLU B 37 -0.68 -17.44 22.41
CA GLU B 37 -0.55 -18.86 22.08
C GLU B 37 -1.33 -19.27 20.85
N THR B 38 -2.39 -18.51 20.57
CA THR B 38 -3.20 -18.72 19.38
C THR B 38 -3.11 -17.47 18.51
N ILE B 39 -2.89 -17.68 17.20
CA ILE B 39 -2.72 -16.59 16.27
C ILE B 39 -3.53 -16.83 14.99
N LEU B 40 -4.15 -15.76 14.49
CA LEU B 40 -4.79 -15.77 13.17
C LEU B 40 -3.82 -15.26 12.12
N LEU B 41 -3.79 -15.92 10.96
CA LEU B 41 -2.78 -15.62 9.95
C LEU B 41 -3.39 -15.32 8.58
N PRO B 42 -3.82 -14.06 8.37
CA PRO B 42 -4.12 -13.68 7.00
C PRO B 42 -2.84 -13.53 6.21
N GLY B 43 -2.90 -13.66 4.89
CA GLY B 43 -1.71 -13.38 4.07
C GLY B 43 -1.42 -11.90 4.05
N ASP B 44 -2.47 -11.10 4.13
CA ASP B 44 -2.38 -9.63 3.97
C ASP B 44 -2.22 -8.95 5.34
N PRO B 45 -1.10 -8.22 5.55
CA PRO B 45 -0.91 -7.56 6.84
C PRO B 45 -1.98 -6.48 7.11
N LEU B 46 -2.52 -5.89 6.04
CA LEU B 46 -3.57 -4.89 6.20
C LEU B 46 -4.89 -5.55 6.64
N ARG B 47 -5.09 -6.81 6.25
CA ARG B 47 -6.21 -7.56 6.81
C ARG B 47 -5.99 -7.90 8.31
N ALA B 48 -4.75 -8.17 8.73
CA ALA B 48 -4.47 -8.33 10.16
C ALA B 48 -4.86 -7.07 10.95
N LYS B 49 -4.50 -5.92 10.39
CA LYS B 49 -4.86 -4.60 10.94
C LYS B 49 -6.36 -4.44 11.10
N TYR B 50 -7.09 -4.77 10.05
CA TYR B 50 -8.53 -4.76 10.06
C TYR B 50 -9.12 -5.65 11.15
N ILE B 51 -8.64 -6.89 11.24
CA ILE B 51 -9.12 -7.81 12.26
C ILE B 51 -8.87 -7.24 13.67
N ALA B 52 -7.69 -6.68 13.85
CA ALA B 52 -7.29 -6.18 15.16
C ALA B 52 -8.14 -4.99 15.57
N GLU B 53 -8.37 -4.07 14.64
CA GLU B 53 -9.15 -2.86 14.92
C GLU B 53 -10.63 -3.15 15.05
N THR B 54 -11.10 -4.19 14.37
CA THR B 54 -12.53 -4.47 14.30
C THR B 54 -13.02 -5.45 15.36
N PHE B 55 -12.15 -6.39 15.77
CA PHE B 55 -12.59 -7.49 16.62
C PHE B 55 -11.91 -7.59 17.99
N LEU B 56 -10.78 -6.91 18.17
CA LEU B 56 -10.01 -7.11 19.39
C LEU B 56 -10.04 -5.88 20.29
N GLU B 57 -9.84 -6.09 21.59
CA GLU B 57 -9.71 -4.96 22.52
C GLU B 57 -8.28 -4.96 23.02
N ASP B 58 -7.83 -3.82 23.54
CA ASP B 58 -6.53 -3.70 24.19
C ASP B 58 -5.39 -4.11 23.27
N VAL B 59 -5.48 -3.65 22.02
CA VAL B 59 -4.57 -4.06 20.96
C VAL B 59 -3.19 -3.39 21.08
N VAL B 60 -2.16 -4.20 20.92
CA VAL B 60 -0.79 -3.73 20.85
C VAL B 60 -0.24 -4.25 19.55
N GLN B 61 0.45 -3.39 18.81
CA GLN B 61 1.18 -3.83 17.63
C GLN B 61 2.57 -4.26 18.07
N TYR B 62 2.89 -5.53 17.82
CA TYR B 62 4.18 -6.08 18.19
C TYR B 62 5.14 -6.15 16.99
N ASN B 63 4.63 -6.03 15.75
CA ASN B 63 5.56 -6.12 14.61
C ASN B 63 5.29 -5.18 13.45
N ASN B 64 6.36 -4.58 12.95
CA ASN B 64 6.33 -3.80 11.71
CA ASN B 64 6.32 -3.81 11.70
C ASN B 64 7.49 -4.11 10.76
N VAL B 65 8.30 -5.12 11.09
CA VAL B 65 9.43 -5.49 10.23
C VAL B 65 8.92 -5.88 8.82
N ARG B 66 9.53 -5.30 7.79
CA ARG B 66 9.09 -5.50 6.39
C ARG B 66 7.61 -5.17 6.17
N GLY B 67 7.04 -4.34 7.06
CA GLY B 67 5.63 -4.00 6.99
C GLY B 67 4.67 -5.13 7.30
N MSE B 68 5.19 -6.23 7.87
CA MSE B 68 4.36 -7.41 8.11
C MSE B 68 3.69 -7.28 9.47
O MSE B 68 4.12 -7.92 10.44
CB MSE B 68 5.19 -8.68 7.99
CG MSE B 68 4.28 -9.90 7.85
SE MSE B 68 3.27 -9.84 6.15
CE MSE B 68 4.78 -10.20 4.93
N LEU B 69 2.64 -6.45 9.51
CA LEU B 69 1.95 -6.07 10.75
C LEU B 69 1.49 -7.24 11.61
N GLY B 70 1.78 -7.15 12.91
CA GLY B 70 1.36 -8.16 13.88
C GLY B 70 0.83 -7.47 15.12
N PHE B 71 -0.28 -7.98 15.63
CA PHE B 71 -1.01 -7.37 16.73
C PHE B 71 -1.40 -8.45 17.73
N THR B 72 -1.49 -8.07 18.99
CA THR B 72 -2.01 -8.90 20.07
C THR B 72 -3.07 -8.12 20.82
N GLY B 73 -4.18 -8.77 21.13
CA GLY B 73 -5.27 -8.12 21.86
C GLY B 73 -6.11 -9.17 22.54
N THR B 74 -7.31 -8.79 22.95
CA THR B 74 -8.23 -9.76 23.52
C THR B 74 -9.51 -9.88 22.71
N TYR B 75 -10.01 -11.11 22.63
CA TYR B 75 -11.31 -11.36 22.01
C TYR B 75 -12.19 -12.04 23.04
N LYS B 76 -13.24 -11.33 23.46
CA LYS B 76 -14.09 -11.79 24.55
C LYS B 76 -13.23 -12.26 25.74
N GLY B 77 -12.24 -11.46 26.12
CA GLY B 77 -11.46 -11.72 27.33
C GLY B 77 -10.23 -12.61 27.19
N LYS B 78 -10.15 -13.34 26.08
CA LYS B 78 -9.03 -14.25 25.81
C LYS B 78 -7.99 -13.57 24.91
N LYS B 79 -6.71 -13.67 25.28
CA LYS B 79 -5.63 -13.13 24.46
C LYS B 79 -5.52 -13.86 23.12
N VAL B 80 -5.45 -13.08 22.04
CA VAL B 80 -5.22 -13.66 20.71
C VAL B 80 -4.29 -12.74 19.92
N SER B 81 -3.64 -13.32 18.92
CA SER B 81 -2.80 -12.53 18.05
C SER B 81 -3.31 -12.65 16.60
N VAL B 82 -2.89 -11.68 15.78
CA VAL B 82 -3.16 -11.68 14.34
C VAL B 82 -1.96 -11.06 13.67
N GLN B 83 -1.46 -11.72 12.62
CA GLN B 83 -0.33 -11.21 11.87
C GLN B 83 -0.36 -11.66 10.43
N GLY B 84 0.05 -10.76 9.54
CA GLY B 84 0.21 -11.08 8.12
C GLY B 84 1.32 -12.08 7.91
N THR B 85 1.18 -12.93 6.89
CA THR B 85 2.22 -13.91 6.56
C THR B 85 2.89 -13.63 5.22
N GLY B 86 2.29 -12.75 4.41
CA GLY B 86 2.73 -12.61 3.05
C GLY B 86 2.19 -13.74 2.21
N MSE B 87 2.44 -13.68 0.91
CA MSE B 87 1.86 -14.64 -0.04
C MSE B 87 2.89 -15.70 -0.37
O MSE B 87 4.07 -15.40 -0.58
CB MSE B 87 1.43 -13.88 -1.31
CG MSE B 87 0.29 -12.92 -0.99
SE MSE B 87 -0.46 -12.15 -2.64
CE MSE B 87 1.16 -11.17 -3.18
N GLY B 88 2.43 -16.94 -0.46
CA GLY B 88 3.28 -18.02 -0.94
C GLY B 88 3.88 -18.89 0.16
N VAL B 89 4.16 -20.14 -0.21
CA VAL B 89 4.76 -21.14 0.67
C VAL B 89 6.03 -20.65 1.41
N PRO B 90 6.98 -20.03 0.68
CA PRO B 90 8.23 -19.60 1.35
C PRO B 90 8.03 -18.50 2.39
N SER B 91 7.09 -17.61 2.16
CA SER B 91 6.85 -16.48 3.06
C SER B 91 6.18 -16.97 4.35
N ILE B 92 5.13 -17.77 4.20
CA ILE B 92 4.47 -18.30 5.39
C ILE B 92 5.41 -19.32 6.06
N GLY B 93 6.29 -19.96 5.30
CA GLY B 93 7.27 -20.87 5.89
C GLY B 93 8.12 -20.15 6.93
N ILE B 94 8.56 -18.95 6.56
CA ILE B 94 9.36 -18.09 7.44
C ILE B 94 8.59 -17.69 8.70
N TYR B 95 7.39 -17.15 8.51
CA TYR B 95 6.65 -16.62 9.66
C TYR B 95 6.10 -17.71 10.58
N SER B 96 5.55 -18.78 10.02
CA SER B 96 5.06 -19.87 10.87
C SER B 96 6.21 -20.49 11.70
N HIS B 97 7.38 -20.69 11.09
CA HIS B 97 8.52 -21.26 11.84
C HIS B 97 8.95 -20.38 13.04
N GLU B 98 9.14 -19.09 12.78
CA GLU B 98 9.53 -18.13 13.81
C GLU B 98 8.45 -18.02 14.92
N LEU B 99 7.18 -17.98 14.52
CA LEU B 99 6.08 -17.90 15.48
C LEU B 99 6.09 -19.08 16.44
N ILE B 100 6.30 -20.28 15.89
CA ILE B 100 6.29 -21.49 16.70
C ILE B 100 7.53 -21.59 17.58
N THR B 101 8.70 -21.46 16.96
CA THR B 101 9.94 -21.76 17.66
C THR B 101 10.38 -20.67 18.63
N GLU B 102 10.15 -19.41 18.26
CA GLU B 102 10.65 -18.27 19.04
C GLU B 102 9.60 -17.59 19.88
N PHE B 103 8.33 -17.74 19.51
CA PHE B 103 7.28 -17.06 20.25
C PHE B 103 6.33 -17.99 20.97
N GLY B 104 6.58 -19.30 20.87
CA GLY B 104 5.78 -20.30 21.56
C GLY B 104 4.31 -20.43 21.14
N VAL B 105 3.99 -20.03 19.91
CA VAL B 105 2.63 -20.19 19.38
C VAL B 105 2.22 -21.66 19.26
N LYS B 106 1.00 -22.00 19.70
CA LYS B 106 0.54 -23.39 19.68
C LYS B 106 -0.59 -23.68 18.71
N ASN B 107 -1.37 -22.65 18.38
CA ASN B 107 -2.49 -22.80 17.44
C ASN B 107 -2.44 -21.72 16.40
N LEU B 108 -2.44 -22.14 15.14
CA LEU B 108 -2.27 -21.25 14.01
C LEU B 108 -3.48 -21.39 13.09
N ILE B 109 -4.24 -20.31 12.98
CA ILE B 109 -5.42 -20.31 12.15
C ILE B 109 -5.27 -19.32 10.99
N ARG B 110 -4.93 -19.87 9.83
CA ARG B 110 -4.88 -19.07 8.60
C ARG B 110 -6.32 -18.66 8.22
N VAL B 111 -6.52 -17.37 7.95
CA VAL B 111 -7.76 -16.85 7.43
C VAL B 111 -7.47 -16.17 6.08
N GLY B 112 -7.69 -16.90 4.99
CA GLY B 112 -7.18 -16.46 3.70
C GLY B 112 -8.25 -16.36 2.63
N THR B 113 -7.80 -16.23 1.39
CA THR B 113 -8.70 -16.16 0.27
C THR B 113 -8.28 -17.22 -0.73
N ALA B 114 -9.19 -17.56 -1.63
CA ALA B 114 -8.91 -18.66 -2.56
C ALA B 114 -9.84 -18.53 -3.77
N GLY B 115 -9.46 -19.13 -4.90
CA GLY B 115 -10.31 -19.15 -6.12
C GLY B 115 -10.99 -20.51 -6.23
N SER B 116 -12.32 -20.50 -6.41
CA SER B 116 -13.10 -21.73 -6.54
C SER B 116 -12.80 -22.55 -7.80
N TYR B 117 -12.78 -23.88 -7.60
CA TYR B 117 -12.61 -24.87 -8.68
C TYR B 117 -13.90 -25.66 -8.86
N GLN B 118 -14.95 -25.26 -8.15
CA GLN B 118 -16.20 -26.02 -8.14
C GLN B 118 -17.38 -25.08 -8.27
N GLU B 119 -18.32 -25.46 -9.13
CA GLU B 119 -19.58 -24.74 -9.29
C GLU B 119 -20.32 -24.62 -7.94
N ASP B 120 -20.29 -25.71 -7.19
CA ASP B 120 -20.72 -25.82 -5.78
C ASP B 120 -20.05 -24.83 -4.79
N VAL B 121 -18.90 -24.27 -5.16
CA VAL B 121 -18.12 -23.40 -4.26
C VAL B 121 -18.16 -21.97 -4.80
N LYS B 122 -18.94 -21.11 -4.14
CA LYS B 122 -19.26 -19.77 -4.68
C LYS B 122 -18.42 -18.64 -4.07
N VAL B 123 -18.27 -17.54 -4.81
CA VAL B 123 -17.57 -16.36 -4.32
C VAL B 123 -18.21 -15.94 -2.99
N ARG B 124 -17.37 -15.74 -1.97
CA ARG B 124 -17.79 -15.40 -0.59
C ARG B 124 -18.24 -16.57 0.29
N ASP B 125 -18.20 -17.80 -0.23
CA ASP B 125 -18.37 -19.00 0.60
C ASP B 125 -17.16 -19.16 1.53
N VAL B 126 -17.35 -19.83 2.65
CA VAL B 126 -16.26 -20.17 3.56
C VAL B 126 -15.93 -21.67 3.48
N VAL B 127 -14.64 -21.98 3.42
CA VAL B 127 -14.18 -23.35 3.26
C VAL B 127 -13.15 -23.67 4.34
N ILE B 128 -13.24 -24.87 4.91
CA ILE B 128 -12.21 -25.42 5.80
C ILE B 128 -11.29 -26.34 4.97
N ALA B 129 -9.99 -26.17 5.11
CA ALA B 129 -9.05 -27.08 4.45
C ALA B 129 -8.73 -28.24 5.36
N MSE B 130 -9.27 -29.41 5.04
CA MSE B 130 -8.88 -30.62 5.76
C MSE B 130 -7.47 -31.05 5.44
O MSE B 130 -6.78 -31.62 6.30
CB MSE B 130 -9.84 -31.77 5.45
CG MSE B 130 -11.06 -31.68 6.34
SE MSE B 130 -11.97 -33.42 6.22
CE MSE B 130 -12.47 -33.40 4.34
N SER B 131 -7.05 -30.74 4.23
CA SER B 131 -5.75 -31.13 3.67
C SER B 131 -5.43 -30.18 2.54
N ALA B 132 -4.17 -30.21 2.11
CA ALA B 132 -3.71 -29.37 1.03
C ALA B 132 -2.87 -30.17 0.05
N SER B 133 -3.35 -30.23 -1.19
CA SER B 133 -2.54 -30.64 -2.34
C SER B 133 -1.61 -29.46 -2.66
N THR B 134 -0.50 -29.71 -3.36
CA THR B 134 0.43 -28.61 -3.70
C THR B 134 1.28 -28.89 -4.94
N ASP B 135 1.74 -27.82 -5.60
CA ASP B 135 2.74 -27.98 -6.65
C ASP B 135 4.09 -27.44 -6.17
N SER B 136 4.14 -27.06 -4.91
CA SER B 136 5.40 -26.74 -4.26
C SER B 136 6.29 -27.98 -4.19
N ALA B 137 7.61 -27.79 -4.27
CA ALA B 137 8.52 -28.90 -4.08
C ALA B 137 8.98 -29.13 -2.64
N ILE B 138 8.48 -28.36 -1.68
CA ILE B 138 9.00 -28.42 -0.29
C ILE B 138 9.02 -29.84 0.32
N ASN B 139 8.01 -30.65 0.01
CA ASN B 139 7.91 -31.99 0.57
C ASN B 139 8.46 -33.08 -0.36
N LYS B 140 8.43 -32.82 -1.67
CA LYS B 140 9.02 -33.72 -2.68
C LYS B 140 10.50 -33.91 -2.36
N LEU B 141 11.15 -32.80 -2.08
CA LEU B 141 12.56 -32.76 -1.65
C LEU B 141 12.82 -33.57 -0.39
N ARG B 142 11.98 -33.40 0.62
CA ARG B 142 12.15 -34.06 1.93
C ARG B 142 11.82 -35.56 2.00
N PHE B 143 10.84 -36.01 1.20
CA PHE B 143 10.41 -37.41 1.20
C PHE B 143 10.84 -38.20 -0.05
N ASN B 144 11.96 -37.77 -0.66
CA ASN B 144 12.56 -38.48 -1.80
C ASN B 144 11.56 -38.70 -2.93
N GLY B 145 10.74 -37.68 -3.18
CA GLY B 145 9.76 -37.75 -4.25
C GLY B 145 8.45 -38.46 -3.96
N ALA B 146 8.27 -38.97 -2.73
CA ALA B 146 6.95 -39.50 -2.35
C ALA B 146 5.95 -38.36 -2.07
N ASP B 147 4.72 -38.72 -1.73
CA ASP B 147 3.58 -37.79 -1.61
C ASP B 147 3.13 -37.65 -0.17
N TYR B 148 3.64 -36.63 0.50
CA TYR B 148 3.18 -36.31 1.85
C TYR B 148 1.91 -35.48 1.70
N ALA B 149 0.87 -35.82 2.47
CA ALA B 149 -0.38 -35.06 2.46
C ALA B 149 -0.51 -34.13 3.69
N PRO B 150 -0.18 -32.82 3.53
CA PRO B 150 -0.33 -31.90 4.67
C PRO B 150 -1.77 -31.84 5.16
N THR B 151 -1.95 -32.07 6.46
CA THR B 151 -3.28 -32.30 7.01
C THR B 151 -3.52 -31.40 8.21
N ALA B 152 -4.75 -30.90 8.31
CA ALA B 152 -5.17 -30.02 9.42
C ALA B 152 -5.25 -30.77 10.75
N SER B 153 -5.22 -30.01 11.85
CA SER B 153 -5.46 -30.57 13.18
C SER B 153 -6.95 -30.87 13.35
N SER B 154 -7.28 -32.13 13.63
CA SER B 154 -8.66 -32.58 13.62
C SER B 154 -9.51 -31.78 14.61
N ASP B 155 -8.95 -31.51 15.79
CA ASP B 155 -9.69 -30.77 16.81
C ASP B 155 -10.18 -29.40 16.30
N LEU B 156 -9.29 -28.71 15.59
CA LEU B 156 -9.61 -27.39 15.07
C LEU B 156 -10.63 -27.50 13.95
N VAL B 157 -10.50 -28.51 13.10
CA VAL B 157 -11.46 -28.78 12.03
C VAL B 157 -12.86 -28.97 12.62
N PHE B 158 -12.96 -29.83 13.63
CA PHE B 158 -14.26 -30.14 14.26
C PHE B 158 -14.88 -28.93 14.94
N LYS B 159 -14.07 -28.19 15.69
CA LYS B 159 -14.56 -27.01 16.39
C LYS B 159 -15.01 -25.92 15.43
N ALA B 160 -14.20 -25.65 14.41
CA ALA B 160 -14.53 -24.66 13.40
C ALA B 160 -15.77 -25.04 12.59
N TYR B 161 -15.89 -26.32 12.25
CA TYR B 161 -17.06 -26.80 11.51
C TYR B 161 -18.35 -26.58 12.31
N GLU B 162 -18.33 -26.98 13.58
CA GLU B 162 -19.48 -26.85 14.49
C GLU B 162 -19.89 -25.40 14.70
N ILE B 163 -18.90 -24.53 14.92
CA ILE B 163 -19.16 -23.10 15.07
C ILE B 163 -19.83 -22.54 13.80
N ALA B 164 -19.29 -22.91 12.65
CA ALA B 164 -19.81 -22.47 11.37
C ALA B 164 -21.27 -22.89 11.17
N LYS B 165 -21.56 -24.18 11.43
CA LYS B 165 -22.92 -24.73 11.29
C LYS B 165 -23.88 -24.04 12.23
N ALA B 166 -23.47 -23.86 13.48
CA ALA B 166 -24.27 -23.10 14.44
C ALA B 166 -24.49 -21.63 14.03
N LYS B 167 -23.72 -21.13 13.07
CA LYS B 167 -23.91 -19.76 12.55
C LYS B 167 -24.79 -19.68 11.30
N GLY B 168 -25.16 -20.81 10.73
CA GLY B 168 -25.96 -20.85 9.49
C GLY B 168 -25.15 -20.88 8.21
N LEU B 169 -23.83 -21.07 8.34
CA LEU B 169 -22.95 -21.11 7.19
C LEU B 169 -22.89 -22.53 6.65
N ASN B 170 -23.17 -22.72 5.37
CA ASN B 170 -22.97 -24.02 4.76
C ASN B 170 -21.48 -24.14 4.41
N VAL B 171 -20.69 -24.58 5.39
CA VAL B 171 -19.24 -24.67 5.22
C VAL B 171 -18.87 -26.04 4.67
N LYS B 172 -17.96 -26.06 3.69
CA LYS B 172 -17.46 -27.30 3.15
C LYS B 172 -16.09 -27.54 3.75
N ALA B 173 -15.72 -28.80 3.86
CA ALA B 173 -14.43 -29.13 4.41
C ALA B 173 -13.82 -30.16 3.48
N GLY B 174 -12.71 -29.85 2.86
CA GLY B 174 -12.11 -30.76 1.91
C GLY B 174 -10.73 -30.38 1.49
N ASN B 175 -10.34 -30.85 0.32
CA ASN B 175 -8.98 -30.64 -0.13
C ASN B 175 -8.85 -29.31 -0.86
N VAL B 176 -7.81 -28.56 -0.56
CA VAL B 176 -7.49 -27.32 -1.27
C VAL B 176 -6.15 -27.48 -1.97
N PHE B 177 -5.92 -26.68 -3.00
CA PHE B 177 -4.67 -26.74 -3.76
C PHE B 177 -3.80 -25.53 -3.41
N THR B 178 -2.63 -25.78 -2.84
CA THR B 178 -1.67 -24.72 -2.55
C THR B 178 -0.74 -24.60 -3.74
N SER B 179 -0.84 -23.50 -4.48
CA SER B 179 0.00 -23.31 -5.67
C SER B 179 1.11 -22.28 -5.45
N ASP B 180 2.26 -22.47 -6.11
CA ASP B 180 3.32 -21.45 -6.19
C ASP B 180 3.00 -20.42 -7.25
N THR B 181 1.99 -20.70 -8.07
CA THR B 181 1.75 -19.88 -9.27
C THR B 181 0.33 -19.33 -9.31
N PHE B 182 0.19 -18.00 -9.34
CA PHE B 182 -1.12 -17.35 -9.47
C PHE B 182 -1.49 -17.26 -10.95
N TYR B 183 -0.52 -16.91 -11.79
CA TYR B 183 -0.73 -16.79 -13.24
C TYR B 183 -0.12 -17.98 -14.00
N GLY B 184 -0.86 -19.09 -14.07
CA GLY B 184 -0.40 -20.29 -14.77
C GLY B 184 -0.32 -20.11 -16.28
N ASP B 185 0.54 -20.88 -16.94
CA ASP B 185 0.69 -20.84 -18.41
C ASP B 185 -0.52 -21.41 -19.12
N ASP B 186 -1.15 -22.40 -18.50
CA ASP B 186 -2.26 -23.13 -19.08
C ASP B 186 -3.59 -22.78 -18.39
N PRO B 187 -4.46 -22.05 -19.11
CA PRO B 187 -5.75 -21.63 -18.58
C PRO B 187 -6.67 -22.80 -18.18
N ASN B 188 -6.39 -24.00 -18.67
CA ASN B 188 -7.20 -25.19 -18.36
C ASN B 188 -6.60 -26.11 -17.30
N ALA B 189 -5.43 -25.76 -16.78
CA ALA B 189 -4.70 -26.61 -15.83
C ALA B 189 -5.52 -26.95 -14.57
N TRP B 190 -6.28 -25.98 -14.07
CA TRP B 190 -7.10 -26.17 -12.87
C TRP B 190 -8.08 -27.34 -12.98
N LYS B 191 -8.51 -27.65 -14.20
CA LYS B 191 -9.57 -28.62 -14.42
C LYS B 191 -9.26 -30.04 -13.95
N LYS B 192 -7.99 -30.45 -14.05
CA LYS B 192 -7.54 -31.77 -13.58
C LYS B 192 -7.77 -31.86 -12.06
N TRP B 193 -7.35 -30.81 -11.35
CA TRP B 193 -7.51 -30.74 -9.90
C TRP B 193 -8.98 -30.79 -9.51
N ALA B 194 -9.81 -29.99 -10.18
CA ALA B 194 -11.25 -29.96 -9.91
C ALA B 194 -11.92 -31.32 -10.13
N GLU B 195 -11.49 -32.04 -11.19
CA GLU B 195 -11.97 -33.41 -11.44
C GLU B 195 -11.72 -34.33 -10.23
N PHE B 196 -10.64 -34.09 -9.50
CA PHE B 196 -10.30 -34.93 -8.36
C PHE B 196 -10.71 -34.31 -7.03
N GLY B 197 -11.74 -33.46 -7.11
CA GLY B 197 -12.44 -32.97 -5.93
C GLY B 197 -11.84 -31.77 -5.22
N VAL B 198 -10.77 -31.18 -5.75
CA VAL B 198 -10.14 -30.00 -5.12
C VAL B 198 -11.13 -28.84 -5.10
N LEU B 199 -11.33 -28.26 -3.93
CA LEU B 199 -12.36 -27.21 -3.74
C LEU B 199 -11.99 -25.86 -4.34
N CYS B 200 -10.72 -25.48 -4.17
CA CYS B 200 -10.24 -24.15 -4.49
C CYS B 200 -8.71 -24.07 -4.41
N VAL B 201 -8.16 -22.95 -4.86
CA VAL B 201 -6.71 -22.77 -4.92
C VAL B 201 -6.33 -21.55 -4.08
N GLU B 202 -5.28 -21.70 -3.27
CA GLU B 202 -4.74 -20.63 -2.46
C GLU B 202 -3.24 -20.86 -2.46
N MSE B 203 -2.48 -20.17 -1.62
CA MSE B 203 -1.03 -20.23 -1.78
C MSE B 203 -0.20 -20.42 -0.54
O MSE B 203 0.98 -20.10 -0.56
CB MSE B 203 -0.60 -18.93 -2.50
CG MSE B 203 -1.15 -18.89 -3.93
SE MSE B 203 -0.59 -17.19 -4.77
CE MSE B 203 1.07 -17.92 -5.55
N GLU B 204 -0.77 -20.95 0.54
CA GLU B 204 -0.08 -21.00 1.85
C GLU B 204 -0.23 -22.29 2.65
N THR B 205 -1.34 -22.98 2.47
CA THR B 205 -1.73 -24.00 3.46
C THR B 205 -0.85 -25.24 3.52
N ALA B 206 -0.39 -25.72 2.37
CA ALA B 206 0.45 -26.93 2.39
C ALA B 206 1.65 -26.68 3.30
N GLN B 207 2.18 -25.43 3.28
CA GLN B 207 3.33 -25.12 4.15
C GLN B 207 2.95 -24.98 5.63
N LEU B 208 1.85 -24.27 5.90
CA LEU B 208 1.41 -24.11 7.28
C LEU B 208 1.18 -25.47 7.95
N TYR B 209 0.41 -26.35 7.29
CA TYR B 209 0.16 -27.72 7.82
C TYR B 209 1.42 -28.58 7.98
N THR B 210 2.36 -28.44 7.05
CA THR B 210 3.60 -29.21 7.12
C THR B 210 4.42 -28.78 8.37
N THR B 211 4.60 -27.47 8.51
CA THR B 211 5.42 -26.93 9.59
C THR B 211 4.80 -27.19 10.96
N ALA B 212 3.49 -26.97 11.07
CA ALA B 212 2.72 -27.29 12.29
C ALA B 212 2.91 -28.75 12.67
N ALA B 213 2.78 -29.65 11.70
CA ALA B 213 2.95 -31.10 11.99
C ALA B 213 4.37 -31.39 12.50
N LYS B 214 5.35 -30.83 11.77
CA LYS B 214 6.77 -31.04 12.09
C LYS B 214 7.12 -30.55 13.48
N LEU B 215 6.52 -29.43 13.87
CA LEU B 215 6.88 -28.81 15.15
C LEU B 215 5.95 -29.20 16.29
N GLY B 216 4.93 -30.00 16.00
CA GLY B 216 4.10 -30.55 17.06
C GLY B 216 3.05 -29.58 17.58
N VAL B 217 2.59 -28.68 16.72
CA VAL B 217 1.55 -27.74 17.13
C VAL B 217 0.32 -27.89 16.22
N ASN B 218 -0.65 -26.99 16.37
CA ASN B 218 -1.96 -27.19 15.74
C ASN B 218 -2.26 -26.15 14.71
N ALA B 219 -2.88 -26.57 13.60
CA ALA B 219 -3.11 -25.62 12.51
C ALA B 219 -4.42 -25.90 11.78
N LEU B 220 -5.04 -24.82 11.33
CA LEU B 220 -6.27 -24.87 10.58
C LEU B 220 -6.26 -23.75 9.54
N THR B 221 -6.72 -24.04 8.33
CA THR B 221 -6.96 -22.98 7.37
C THR B 221 -8.44 -22.81 7.11
N LEU B 222 -8.91 -21.57 7.23
CA LEU B 222 -10.21 -21.14 6.78
C LEU B 222 -9.98 -20.21 5.59
N LEU B 223 -10.87 -20.31 4.60
CA LEU B 223 -10.72 -19.51 3.39
C LEU B 223 -12.03 -18.88 3.03
N THR B 224 -11.97 -17.69 2.45
CA THR B 224 -13.15 -17.09 1.84
C THR B 224 -12.90 -17.08 0.34
N ILE B 225 -13.86 -17.55 -0.41
CA ILE B 225 -13.73 -17.56 -1.87
C ILE B 225 -13.79 -16.13 -2.45
N SER B 226 -12.68 -15.71 -3.06
CA SER B 226 -12.49 -14.33 -3.54
C SER B 226 -12.51 -14.21 -5.08
N ASP B 227 -12.27 -15.34 -5.75
CA ASP B 227 -12.30 -15.48 -7.22
C ASP B 227 -12.94 -16.82 -7.60
N SER B 228 -13.38 -16.94 -8.85
CA SER B 228 -13.97 -18.20 -9.31
C SER B 228 -13.51 -18.61 -10.70
N PHE B 229 -12.94 -19.81 -10.83
CA PHE B 229 -12.56 -20.32 -12.14
C PHE B 229 -13.76 -20.75 -12.98
N ILE B 230 -14.94 -20.81 -12.34
CA ILE B 230 -16.17 -21.22 -12.99
C ILE B 230 -16.82 -20.00 -13.64
N THR B 231 -17.08 -18.97 -12.84
CA THR B 231 -17.87 -17.80 -13.29
C THR B 231 -16.98 -16.61 -13.68
N HIS B 232 -15.70 -16.66 -13.29
CA HIS B 232 -14.71 -15.62 -13.57
C HIS B 232 -14.93 -14.32 -12.77
N GLU B 233 -15.74 -14.38 -11.73
CA GLU B 233 -15.90 -13.23 -10.84
C GLU B 233 -14.61 -12.98 -10.06
N VAL B 234 -14.23 -11.70 -9.97
CA VAL B 234 -13.05 -11.28 -9.21
C VAL B 234 -13.51 -10.24 -8.18
N THR B 235 -13.26 -10.48 -6.90
CA THR B 235 -13.55 -9.47 -5.87
C THR B 235 -12.45 -8.41 -5.91
N SER B 236 -12.73 -7.22 -5.38
CA SER B 236 -11.75 -6.13 -5.42
C SER B 236 -10.71 -6.32 -4.32
N ALA B 237 -9.65 -5.52 -4.37
CA ALA B 237 -8.60 -5.53 -3.35
C ALA B 237 -9.18 -5.07 -2.00
N GLU B 238 -10.01 -4.03 -2.04
CA GLU B 238 -10.70 -3.52 -0.83
C GLU B 238 -11.58 -4.58 -0.16
N GLU B 239 -12.36 -5.30 -0.98
CA GLU B 239 -13.24 -6.37 -0.50
C GLU B 239 -12.47 -7.47 0.25
N ARG B 240 -11.32 -7.88 -0.28
CA ARG B 240 -10.51 -8.94 0.38
C ARG B 240 -9.92 -8.47 1.70
N GLN B 241 -9.61 -7.18 1.79
CA GLN B 241 -8.93 -6.62 2.94
C GLN B 241 -9.88 -6.40 4.13
N THR B 242 -11.09 -5.92 3.85
CA THR B 242 -11.96 -5.41 4.92
C THR B 242 -13.40 -5.95 4.97
N THR B 243 -13.75 -6.94 4.15
CA THR B 243 -15.18 -7.39 4.07
C THR B 243 -15.43 -8.90 4.20
N PHE B 244 -14.37 -9.68 4.42
CA PHE B 244 -14.58 -11.12 4.60
C PHE B 244 -14.74 -11.46 6.10
N ASN B 245 -15.82 -10.96 6.69
CA ASN B 245 -16.04 -11.03 8.13
C ASN B 245 -16.45 -12.40 8.67
N GLU B 246 -17.18 -13.17 7.86
CA GLU B 246 -17.67 -14.47 8.32
C GLU B 246 -16.55 -15.42 8.73
N MSE B 247 -15.50 -15.55 7.91
CA MSE B 247 -14.38 -16.44 8.27
C MSE B 247 -13.67 -15.96 9.53
O MSE B 247 -13.27 -16.79 10.37
CB MSE B 247 -13.41 -16.65 7.11
CG MSE B 247 -12.34 -15.59 7.04
SE MSE B 247 -11.06 -16.17 5.66
CE MSE B 247 -10.38 -14.34 5.30
N ILE B 248 -13.51 -14.65 9.67
CA ILE B 248 -12.85 -14.08 10.87
C ILE B 248 -13.60 -14.43 12.15
N GLU B 249 -14.94 -14.30 12.11
CA GLU B 249 -15.75 -14.66 13.27
C GLU B 249 -15.63 -16.13 13.64
N VAL B 250 -15.62 -17.01 12.64
CA VAL B 250 -15.43 -18.45 12.87
C VAL B 250 -14.08 -18.69 13.55
N ALA B 251 -13.03 -18.05 13.01
CA ALA B 251 -11.68 -18.26 13.52
C ALA B 251 -11.56 -17.78 14.96
N LEU B 252 -12.18 -16.64 15.26
CA LEU B 252 -12.10 -16.07 16.60
C LEU B 252 -12.83 -16.91 17.62
N GLU B 253 -14.04 -17.34 17.26
CA GLU B 253 -14.82 -18.25 18.10
C GLU B 253 -14.06 -19.56 18.31
N THR B 254 -13.34 -20.02 17.28
CA THR B 254 -12.52 -21.24 17.39
C THR B 254 -11.39 -21.04 18.42
N ALA B 255 -10.65 -19.94 18.27
CA ALA B 255 -9.58 -19.57 19.18
C ALA B 255 -10.07 -19.57 20.63
N LEU B 256 -11.24 -18.97 20.84
CA LEU B 256 -11.88 -18.88 22.15
C LEU B 256 -12.06 -20.24 22.83
N GLN B 257 -12.24 -21.31 22.04
CA GLN B 257 -12.45 -22.67 22.56
C GLN B 257 -11.17 -23.49 22.73
N LEU B 258 -10.02 -22.88 22.45
CA LEU B 258 -8.75 -23.62 22.48
C LEU B 258 -7.96 -23.45 23.78
N MSE C 23 -12.72 14.27 25.04
CA MSE C 23 -11.79 13.86 23.95
C MSE C 23 -11.91 14.83 22.81
O MSE C 23 -12.48 14.52 21.75
CB MSE C 23 -12.10 12.42 23.46
CG MSE C 23 -12.06 11.40 24.63
SE MSE C 23 -13.93 10.99 25.21
CE MSE C 23 -13.78 10.67 26.96
N GLY C 24 -11.37 16.03 23.02
CA GLY C 24 -11.31 17.05 21.97
C GLY C 24 -11.54 18.49 22.41
N THR C 25 -11.51 19.40 21.46
CA THR C 25 -11.87 20.81 21.66
C THR C 25 -13.38 20.95 21.85
N PRO C 26 -13.87 22.16 22.16
CA PRO C 26 -15.33 22.19 22.29
C PRO C 26 -16.06 21.91 20.95
N HIS C 27 -15.33 22.00 19.83
CA HIS C 27 -15.96 21.84 18.51
C HIS C 27 -15.47 20.67 17.65
N ILE C 28 -14.31 20.10 17.99
CA ILE C 28 -13.80 18.95 17.25
C ILE C 28 -13.56 17.79 18.22
N GLY C 29 -14.37 16.74 18.10
CA GLY C 29 -14.35 15.61 19.01
C GLY C 29 -13.37 14.54 18.59
N ALA C 30 -12.08 14.84 18.73
CA ALA C 30 -11.01 13.93 18.31
C ALA C 30 -9.74 14.20 19.11
N ASN C 31 -8.76 13.31 18.98
CA ASN C 31 -7.43 13.53 19.60
C ASN C 31 -6.40 14.02 18.59
N ARG C 32 -5.32 14.61 19.10
CA ARG C 32 -4.18 14.98 18.27
C ARG C 32 -3.59 13.73 17.60
N GLY C 33 -3.22 13.85 16.32
CA GLY C 33 -2.84 12.70 15.52
C GLY C 33 -3.96 12.21 14.62
N ASP C 34 -5.21 12.49 14.99
CA ASP C 34 -6.34 12.06 14.16
C ASP C 34 -6.48 12.87 12.87
N VAL C 35 -5.93 14.08 12.86
CA VAL C 35 -6.02 14.96 11.69
C VAL C 35 -4.65 15.08 11.05
N ALA C 36 -4.58 14.96 9.72
CA ALA C 36 -3.32 15.16 8.99
C ALA C 36 -2.81 16.60 9.03
N GLU C 37 -1.57 16.80 8.59
CA GLU C 37 -0.98 18.14 8.62
C GLU C 37 -1.49 19.02 7.47
N THR C 38 -2.00 18.40 6.43
CA THR C 38 -2.67 19.11 5.35
C THR C 38 -4.15 18.77 5.38
N ILE C 39 -5.00 19.79 5.22
CA ILE C 39 -6.45 19.64 5.28
C ILE C 39 -7.16 20.43 4.19
N LEU C 40 -8.20 19.82 3.63
CA LEU C 40 -9.10 20.46 2.70
C LEU C 40 -10.34 20.89 3.47
N LEU C 41 -10.83 22.09 3.16
CA LEU C 41 -11.82 22.73 4.00
C LEU C 41 -12.99 23.23 3.18
N PRO C 42 -13.92 22.34 2.79
CA PRO C 42 -15.18 22.80 2.20
C PRO C 42 -16.06 23.44 3.29
N GLY C 43 -17.02 24.28 2.88
CA GLY C 43 -17.91 24.88 3.85
C GLY C 43 -18.92 23.83 4.28
N ASP C 44 -19.29 22.97 3.35
CA ASP C 44 -20.34 21.98 3.54
C ASP C 44 -19.74 20.67 4.05
N PRO C 45 -20.18 20.19 5.25
CA PRO C 45 -19.64 18.91 5.74
C PRO C 45 -20.04 17.73 4.85
N LEU C 46 -21.12 17.86 4.09
CA LEU C 46 -21.51 16.77 3.18
C LEU C 46 -20.57 16.67 1.98
N ARG C 47 -20.04 17.81 1.55
CA ARG C 47 -18.93 17.85 0.58
C ARG C 47 -17.62 17.24 1.14
N ALA C 48 -17.33 17.44 2.42
CA ALA C 48 -16.20 16.75 3.05
C ALA C 48 -16.34 15.23 2.93
N LYS C 49 -17.52 14.72 3.27
CA LYS C 49 -17.85 13.30 3.10
C LYS C 49 -17.66 12.86 1.64
N TYR C 50 -18.19 13.64 0.71
CA TYR C 50 -18.05 13.31 -0.71
C TYR C 50 -16.57 13.22 -1.13
N ILE C 51 -15.78 14.22 -0.74
CA ILE C 51 -14.35 14.26 -1.07
C ILE C 51 -13.61 13.04 -0.47
N ALA C 52 -13.90 12.69 0.77
CA ALA C 52 -13.20 11.59 1.44
C ALA C 52 -13.54 10.28 0.74
N GLU C 53 -14.81 10.13 0.38
CA GLU C 53 -15.30 8.90 -0.25
C GLU C 53 -14.81 8.73 -1.68
N THR C 54 -14.77 9.84 -2.42
CA THR C 54 -14.42 9.81 -3.84
C THR C 54 -12.91 9.81 -4.11
N PHE C 55 -12.13 10.50 -3.28
CA PHE C 55 -10.72 10.73 -3.63
C PHE C 55 -9.68 10.08 -2.69
N LEU C 56 -10.12 9.63 -1.52
CA LEU C 56 -9.15 9.22 -0.50
C LEU C 56 -9.24 7.74 -0.17
N GLU C 57 -8.09 7.17 0.19
CA GLU C 57 -8.00 5.77 0.61
C GLU C 57 -7.89 5.75 2.12
N ASP C 58 -8.36 4.66 2.74
CA ASP C 58 -8.17 4.41 4.18
C ASP C 58 -8.78 5.48 5.07
N VAL C 59 -10.08 5.73 4.85
CA VAL C 59 -10.74 6.86 5.46
C VAL C 59 -11.21 6.53 6.87
N VAL C 60 -10.89 7.41 7.81
CA VAL C 60 -11.44 7.34 9.16
C VAL C 60 -12.19 8.64 9.40
N GLN C 61 -13.38 8.57 9.98
CA GLN C 61 -14.09 9.77 10.33
C GLN C 61 -13.64 10.15 11.75
N TYR C 62 -13.04 11.32 11.92
CA TYR C 62 -12.53 11.72 13.23
C TYR C 62 -13.47 12.69 13.93
N ASN C 63 -14.40 13.31 13.19
CA ASN C 63 -15.31 14.27 13.82
C ASN C 63 -16.77 14.16 13.42
N ASN C 64 -17.63 14.29 14.42
CA ASN C 64 -19.08 14.33 14.27
C ASN C 64 -19.76 15.45 15.09
N VAL C 65 -18.98 16.20 15.86
CA VAL C 65 -19.55 17.26 16.72
C VAL C 65 -20.27 18.31 15.90
N ARG C 66 -21.51 18.64 16.28
CA ARG C 66 -22.38 19.56 15.53
C ARG C 66 -22.60 19.14 14.07
N GLY C 67 -22.38 17.85 13.81
CA GLY C 67 -22.47 17.30 12.46
C GLY C 67 -21.36 17.75 11.52
N MSE C 68 -20.31 18.34 12.06
CA MSE C 68 -19.32 18.98 11.22
C MSE C 68 -18.31 17.94 10.87
O MSE C 68 -17.21 17.91 11.45
CB MSE C 68 -18.75 20.24 11.86
CG MSE C 68 -17.96 21.06 10.84
SE MSE C 68 -19.17 21.84 9.47
CE MSE C 68 -20.05 23.20 10.61
N LEU C 69 -18.68 17.10 9.92
CA LEU C 69 -17.91 15.91 9.53
C LEU C 69 -16.46 16.20 9.15
N GLY C 70 -15.55 15.41 9.73
CA GLY C 70 -14.12 15.53 9.40
C GLY C 70 -13.60 14.14 9.17
N PHE C 71 -12.73 13.98 8.17
CA PHE C 71 -12.21 12.67 7.78
C PHE C 71 -10.70 12.76 7.57
N THR C 72 -10.00 11.65 7.78
CA THR C 72 -8.59 11.56 7.44
C THR C 72 -8.39 10.29 6.61
N GLY C 73 -7.61 10.41 5.53
CA GLY C 73 -7.29 9.25 4.68
C GLY C 73 -5.96 9.53 4.02
N THR C 74 -5.73 8.89 2.88
CA THR C 74 -4.50 9.16 2.13
C THR C 74 -4.79 9.47 0.66
N TYR C 75 -3.98 10.34 0.06
CA TYR C 75 -4.04 10.59 -1.36
C TYR C 75 -2.66 10.33 -1.94
N LYS C 76 -2.56 9.24 -2.70
CA LYS C 76 -1.29 8.81 -3.29
C LYS C 76 -0.19 8.72 -2.22
N GLY C 77 -0.51 8.07 -1.11
CA GLY C 77 0.43 7.91 0.00
C GLY C 77 0.45 9.03 1.00
N LYS C 78 0.23 10.27 0.53
CA LYS C 78 0.19 11.46 1.41
C LYS C 78 -1.03 11.41 2.34
N LYS C 79 -0.75 11.54 3.63
CA LYS C 79 -1.78 11.69 4.64
C LYS C 79 -2.45 13.04 4.42
N VAL C 80 -3.78 13.06 4.36
CA VAL C 80 -4.55 14.30 4.10
C VAL C 80 -5.91 14.22 4.79
N SER C 81 -6.38 15.36 5.31
CA SER C 81 -7.69 15.41 5.95
C SER C 81 -8.66 16.31 5.16
N VAL C 82 -9.95 16.16 5.47
CA VAL C 82 -11.02 16.96 4.87
CA VAL C 82 -10.99 16.98 4.89
C VAL C 82 -12.11 17.20 5.90
N GLN C 83 -12.49 18.46 6.07
CA GLN C 83 -13.50 18.76 7.05
C GLN C 83 -14.36 19.98 6.70
N GLY C 84 -15.66 19.88 6.98
CA GLY C 84 -16.56 21.02 6.86
C GLY C 84 -16.16 22.17 7.79
N THR C 85 -16.43 23.41 7.37
CA THR C 85 -16.16 24.59 8.21
C THR C 85 -17.40 25.34 8.64
N GLY C 86 -18.53 25.06 8.00
CA GLY C 86 -19.72 25.90 8.12
C GLY C 86 -19.55 27.18 7.29
N MSE C 87 -20.56 28.05 7.33
CA MSE C 87 -20.55 29.24 6.48
C MSE C 87 -20.26 30.43 7.36
O MSE C 87 -20.75 30.52 8.49
CB MSE C 87 -21.92 29.37 5.82
CG MSE C 87 -22.29 28.10 5.05
SE MSE C 87 -23.96 28.43 4.04
CE MSE C 87 -25.16 28.29 5.60
N GLY C 88 -19.45 31.34 6.84
CA GLY C 88 -19.18 32.59 7.51
C GLY C 88 -17.83 32.61 8.22
N VAL C 89 -17.27 33.82 8.31
CA VAL C 89 -16.08 34.15 9.08
C VAL C 89 -16.04 33.54 10.50
N PRO C 90 -17.13 33.71 11.30
CA PRO C 90 -16.98 33.20 12.67
C PRO C 90 -16.89 31.67 12.72
N SER C 91 -17.60 30.98 11.84
CA SER C 91 -17.57 29.52 11.85
C SER C 91 -16.18 28.99 11.49
N ILE C 92 -15.66 29.38 10.34
CA ILE C 92 -14.30 28.96 9.94
C ILE C 92 -13.24 29.48 10.91
N GLY C 93 -13.52 30.61 11.55
CA GLY C 93 -12.61 31.12 12.57
C GLY C 93 -12.40 30.12 13.70
N ILE C 94 -13.49 29.49 14.14
CA ILE C 94 -13.42 28.49 15.18
C ILE C 94 -12.63 27.26 14.70
N TYR C 95 -13.01 26.72 13.55
CA TYR C 95 -12.41 25.46 13.08
C TYR C 95 -10.93 25.60 12.74
N SER C 96 -10.57 26.68 12.05
CA SER C 96 -9.19 26.87 11.61
C SER C 96 -8.29 27.09 12.82
N HIS C 97 -8.75 27.87 13.78
CA HIS C 97 -8.01 28.04 15.04
C HIS C 97 -7.76 26.71 15.79
N GLU C 98 -8.79 25.88 15.93
CA GLU C 98 -8.65 24.61 16.64
C GLU C 98 -7.78 23.62 15.89
N LEU C 99 -7.96 23.55 14.58
CA LEU C 99 -7.15 22.66 13.72
C LEU C 99 -5.66 22.95 13.84
N ILE C 100 -5.32 24.24 13.78
CA ILE C 100 -3.93 24.67 13.83
C ILE C 100 -3.35 24.47 15.24
N THR C 101 -4.06 24.95 16.26
CA THR C 101 -3.49 25.02 17.62
C THR C 101 -3.59 23.70 18.38
N GLU C 102 -4.66 22.95 18.17
CA GLU C 102 -4.86 21.70 18.93
C GLU C 102 -4.48 20.47 18.13
N PHE C 103 -4.61 20.53 16.82
CA PHE C 103 -4.36 19.34 16.00
C PHE C 103 -3.13 19.45 15.09
N GLY C 104 -2.34 20.50 15.25
CA GLY C 104 -1.11 20.70 14.46
C GLY C 104 -1.19 20.81 12.95
N VAL C 105 -2.33 21.26 12.42
CA VAL C 105 -2.45 21.45 10.99
C VAL C 105 -1.51 22.56 10.51
N LYS C 106 -0.77 22.31 9.44
CA LYS C 106 0.19 23.27 8.89
C LYS C 106 -0.25 23.86 7.56
N ASN C 107 -1.08 23.14 6.82
CA ASN C 107 -1.50 23.57 5.48
C ASN C 107 -3.02 23.46 5.31
N LEU C 108 -3.67 24.59 5.04
CA LEU C 108 -5.14 24.63 4.96
C LEU C 108 -5.58 25.10 3.58
N ILE C 109 -6.31 24.24 2.86
CA ILE C 109 -6.76 24.58 1.53
C ILE C 109 -8.29 24.57 1.53
N ARG C 110 -8.88 25.75 1.61
CA ARG C 110 -10.31 25.86 1.45
C ARG C 110 -10.69 25.51 0.00
N VAL C 111 -11.74 24.71 -0.15
CA VAL C 111 -12.30 24.39 -1.47
C VAL C 111 -13.79 24.68 -1.44
N GLY C 112 -14.17 25.82 -2.02
CA GLY C 112 -15.54 26.29 -1.87
C GLY C 112 -16.19 26.74 -3.16
N THR C 113 -17.33 27.40 -3.00
CA THR C 113 -18.11 27.93 -4.13
C THR C 113 -18.14 29.44 -3.99
N ALA C 114 -18.40 30.13 -5.10
CA ALA C 114 -18.40 31.59 -5.10
C ALA C 114 -19.35 32.09 -6.19
N GLY C 115 -19.88 33.31 -6.03
CA GLY C 115 -20.62 33.94 -7.14
C GLY C 115 -19.74 34.91 -7.93
N SER C 116 -19.74 34.81 -9.26
CA SER C 116 -18.89 35.69 -10.06
C SER C 116 -19.34 37.15 -10.15
N TYR C 117 -18.38 38.05 -10.04
CA TYR C 117 -18.62 39.48 -10.16
C TYR C 117 -18.16 40.03 -11.49
N GLN C 118 -17.67 39.15 -12.39
CA GLN C 118 -16.97 39.57 -13.61
C GLN C 118 -17.41 38.74 -14.81
N GLU C 119 -17.50 39.37 -15.98
CA GLU C 119 -18.01 38.64 -17.15
C GLU C 119 -17.05 37.57 -17.64
N ASP C 120 -15.75 37.79 -17.49
CA ASP C 120 -14.75 36.79 -17.88
C ASP C 120 -14.45 35.75 -16.81
N VAL C 121 -15.10 35.89 -15.66
CA VAL C 121 -15.06 34.86 -14.62
C VAL C 121 -16.34 34.03 -14.77
N LYS C 122 -16.24 32.93 -15.50
CA LYS C 122 -17.41 32.17 -15.93
C LYS C 122 -17.77 31.07 -14.95
N VAL C 123 -19.03 30.63 -14.99
CA VAL C 123 -19.42 29.39 -14.32
C VAL C 123 -18.61 28.31 -15.04
N ARG C 124 -18.00 27.41 -14.28
CA ARG C 124 -16.99 26.45 -14.80
C ARG C 124 -15.60 26.77 -14.28
N ASP C 125 -15.32 28.06 -14.11
CA ASP C 125 -13.97 28.52 -13.77
C ASP C 125 -13.56 28.16 -12.35
N VAL C 126 -12.28 27.92 -12.18
CA VAL C 126 -11.69 27.78 -10.84
C VAL C 126 -10.96 29.10 -10.55
N VAL C 127 -11.16 29.64 -9.35
CA VAL C 127 -10.54 30.91 -8.96
C VAL C 127 -9.60 30.63 -7.80
N ILE C 128 -8.39 31.15 -7.91
CA ILE C 128 -7.41 31.10 -6.81
C ILE C 128 -7.46 32.46 -6.14
N ALA C 129 -7.80 32.48 -4.86
CA ALA C 129 -7.86 33.72 -4.10
C ALA C 129 -6.47 34.13 -3.64
N MSE C 130 -5.88 35.13 -4.30
CA MSE C 130 -4.61 35.70 -3.83
C MSE C 130 -4.79 36.48 -2.55
O MSE C 130 -3.85 36.62 -1.75
CB MSE C 130 -4.00 36.61 -4.88
CG MSE C 130 -3.54 35.83 -6.11
SE MSE C 130 -2.48 37.06 -7.22
CE MSE C 130 -3.85 38.24 -7.98
N SER C 131 -6.00 37.00 -2.34
CA SER C 131 -6.30 37.90 -1.21
C SER C 131 -7.80 37.97 -1.04
N ALA C 132 -8.26 38.50 0.08
CA ALA C 132 -9.70 38.62 0.30
C ALA C 132 -10.01 39.99 0.84
N SER C 133 -10.91 40.70 0.16
CA SER C 133 -11.50 41.90 0.70
C SER C 133 -12.60 41.37 1.60
N THR C 134 -13.09 42.19 2.53
CA THR C 134 -14.16 41.72 3.44
C THR C 134 -15.01 42.87 3.98
N ASP C 135 -16.25 42.56 4.38
CA ASP C 135 -17.03 43.50 5.18
C ASP C 135 -17.20 43.01 6.61
N SER C 136 -16.46 41.97 6.94
CA SER C 136 -16.36 41.53 8.33
C SER C 136 -15.57 42.58 9.08
N ALA C 137 -15.81 42.67 10.39
CA ALA C 137 -15.10 43.61 11.26
C ALA C 137 -13.89 43.01 11.97
N ILE C 138 -13.59 41.73 11.74
CA ILE C 138 -12.57 41.04 12.54
C ILE C 138 -11.21 41.77 12.56
N ASN C 139 -10.80 42.37 11.45
CA ASN C 139 -9.48 43.05 11.42
C ASN C 139 -9.53 44.55 11.69
N LYS C 140 -10.65 45.20 11.36
CA LYS C 140 -10.92 46.59 11.78
C LYS C 140 -10.66 46.72 13.27
N LEU C 141 -11.15 45.73 14.00
CA LEU C 141 -11.01 45.74 15.42
C LEU C 141 -9.55 45.66 15.90
N ARG C 142 -8.75 44.77 15.35
CA ARG C 142 -7.37 44.61 15.86
C ARG C 142 -6.37 45.60 15.29
N PHE C 143 -6.68 46.18 14.13
CA PHE C 143 -5.80 47.20 13.55
C PHE C 143 -6.30 48.65 13.72
N ASN C 144 -7.13 48.86 14.75
CA ASN C 144 -7.56 50.22 15.14
C ASN C 144 -8.19 50.93 13.95
N GLY C 145 -8.97 50.20 13.16
CA GLY C 145 -9.63 50.79 12.00
C GLY C 145 -8.83 50.84 10.71
N ALA C 146 -7.55 50.42 10.73
CA ALA C 146 -6.76 50.34 9.47
C ALA C 146 -7.17 49.14 8.58
N ASP C 147 -6.63 49.07 7.38
CA ASP C 147 -7.02 48.08 6.37
C ASP C 147 -6.00 46.97 6.20
N TYR C 148 -6.19 45.84 6.88
CA TYR C 148 -5.31 44.69 6.72
C TYR C 148 -5.79 43.87 5.50
N ALA C 149 -4.88 43.45 4.62
CA ALA C 149 -5.26 42.63 3.47
C ALA C 149 -4.91 41.15 3.66
N PRO C 150 -5.90 40.32 4.07
CA PRO C 150 -5.63 38.88 4.24
C PRO C 150 -5.10 38.29 2.94
N THR C 151 -3.96 37.61 3.02
CA THR C 151 -3.26 37.19 1.82
C THR C 151 -2.87 35.71 1.87
N ALA C 152 -3.01 35.04 0.73
CA ALA C 152 -2.67 33.62 0.58
C ALA C 152 -1.17 33.32 0.75
N SER C 153 -0.85 32.08 1.09
CA SER C 153 0.54 31.63 1.08
C SER C 153 1.06 31.57 -0.35
N SER C 154 2.10 32.34 -0.65
CA SER C 154 2.58 32.41 -2.04
C SER C 154 2.98 31.04 -2.61
N ASP C 155 3.64 30.22 -1.80
CA ASP C 155 4.03 28.88 -2.25
C ASP C 155 2.82 28.06 -2.72
N LEU C 156 1.73 28.15 -1.98
CA LEU C 156 0.51 27.41 -2.29
C LEU C 156 -0.16 27.97 -3.53
N VAL C 157 -0.22 29.29 -3.65
CA VAL C 157 -0.70 29.95 -4.88
C VAL C 157 0.08 29.48 -6.12
N PHE C 158 1.41 29.52 -6.06
CA PHE C 158 2.25 29.19 -7.21
C PHE C 158 2.07 27.72 -7.59
N LYS C 159 2.07 26.85 -6.59
CA LYS C 159 1.95 25.42 -6.84
C LYS C 159 0.58 25.08 -7.44
N ALA C 160 -0.49 25.59 -6.84
CA ALA C 160 -1.86 25.34 -7.32
C ALA C 160 -2.06 25.87 -8.75
N TYR C 161 -1.50 27.04 -9.04
CA TYR C 161 -1.68 27.64 -10.36
C TYR C 161 -1.02 26.82 -11.48
N GLU C 162 0.23 26.43 -11.26
CA GLU C 162 0.95 25.53 -12.19
C GLU C 162 0.18 24.23 -12.45
N ILE C 163 -0.31 23.61 -11.39
CA ILE C 163 -1.12 22.41 -11.49
C ILE C 163 -2.37 22.65 -12.35
N ALA C 164 -3.15 23.69 -12.02
CA ALA C 164 -4.35 24.00 -12.79
C ALA C 164 -4.05 24.25 -14.26
N LYS C 165 -2.95 24.96 -14.53
CA LYS C 165 -2.53 25.25 -15.89
C LYS C 165 -2.15 23.98 -16.67
N ALA C 166 -1.33 23.14 -16.05
CA ALA C 166 -0.95 21.86 -16.67
C ALA C 166 -2.18 21.00 -17.00
N LYS C 167 -3.21 21.07 -16.16
CA LYS C 167 -4.44 20.33 -16.42
C LYS C 167 -5.33 20.98 -17.50
N GLY C 168 -4.86 22.07 -18.11
CA GLY C 168 -5.61 22.82 -19.13
C GLY C 168 -6.81 23.63 -18.64
N LEU C 169 -6.85 23.89 -17.33
CA LEU C 169 -7.98 24.55 -16.68
C LEU C 169 -8.03 26.06 -16.92
N ASN C 170 -9.23 26.63 -16.98
CA ASN C 170 -9.40 28.07 -17.08
C ASN C 170 -9.37 28.68 -15.68
N VAL C 171 -8.18 29.08 -15.26
CA VAL C 171 -7.95 29.51 -13.88
C VAL C 171 -7.62 30.99 -13.82
N LYS C 172 -8.21 31.68 -12.83
CA LYS C 172 -7.94 33.09 -12.55
C LYS C 172 -7.38 33.16 -11.14
N ALA C 173 -6.49 34.12 -10.89
CA ALA C 173 -6.02 34.39 -9.55
C ALA C 173 -6.20 35.88 -9.27
N GLY C 174 -6.79 36.19 -8.12
CA GLY C 174 -7.08 37.57 -7.82
C GLY C 174 -7.73 37.76 -6.47
N ASN C 175 -8.36 38.91 -6.30
CA ASN C 175 -9.00 39.27 -5.03
C ASN C 175 -10.44 38.77 -5.02
N VAL C 176 -10.87 38.25 -3.86
CA VAL C 176 -12.23 37.73 -3.69
C VAL C 176 -12.84 38.54 -2.56
N PHE C 177 -14.17 38.58 -2.52
CA PHE C 177 -14.86 39.30 -1.44
C PHE C 177 -15.46 38.32 -0.42
N THR C 178 -14.94 38.34 0.80
CA THR C 178 -15.51 37.57 1.91
C THR C 178 -16.62 38.37 2.53
N SER C 179 -17.86 37.94 2.31
CA SER C 179 -19.08 38.67 2.73
C SER C 179 -19.63 38.12 4.05
N ASP C 180 -20.05 39.00 4.97
CA ASP C 180 -20.79 38.58 6.17
C ASP C 180 -22.27 38.35 5.87
N THR C 181 -22.72 38.86 4.71
CA THR C 181 -24.16 38.97 4.45
C THR C 181 -24.53 38.40 3.10
N PHE C 182 -25.15 37.22 3.10
CA PHE C 182 -25.60 36.59 1.86
C PHE C 182 -26.79 37.33 1.25
N TYR C 183 -27.75 37.74 2.08
CA TYR C 183 -28.94 38.50 1.61
C TYR C 183 -28.87 39.98 1.91
N GLY C 184 -28.16 40.73 1.04
CA GLY C 184 -27.94 42.17 1.23
C GLY C 184 -29.17 43.04 1.04
N ASP C 185 -29.22 44.15 1.78
CA ASP C 185 -30.27 45.18 1.64
C ASP C 185 -30.36 45.69 0.19
N ASP C 186 -29.19 45.87 -0.43
CA ASP C 186 -29.02 46.61 -1.68
C ASP C 186 -28.51 45.65 -2.78
N PRO C 187 -29.36 45.35 -3.77
CA PRO C 187 -28.98 44.40 -4.83
C PRO C 187 -27.93 44.95 -5.81
N ASN C 188 -27.61 46.23 -5.70
CA ASN C 188 -26.56 46.85 -6.51
C ASN C 188 -25.21 46.94 -5.83
N ALA C 189 -25.18 46.62 -4.53
CA ALA C 189 -23.96 46.79 -3.71
C ALA C 189 -22.75 46.12 -4.33
N TRP C 190 -22.94 44.94 -4.93
CA TRP C 190 -21.79 44.17 -5.44
C TRP C 190 -21.00 44.93 -6.52
N LYS C 191 -21.66 45.88 -7.18
CA LYS C 191 -21.07 46.54 -8.34
C LYS C 191 -19.84 47.39 -8.07
N LYS C 192 -19.79 48.04 -6.90
CA LYS C 192 -18.64 48.85 -6.52
C LYS C 192 -17.44 47.91 -6.39
N TRP C 193 -17.64 46.74 -5.77
CA TRP C 193 -16.56 45.75 -5.62
C TRP C 193 -16.11 45.24 -6.99
N ALA C 194 -17.06 44.97 -7.89
CA ALA C 194 -16.72 44.51 -9.23
C ALA C 194 -15.97 45.56 -10.04
N GLU C 195 -16.33 46.83 -9.87
CA GLU C 195 -15.61 47.94 -10.49
C GLU C 195 -14.11 47.98 -10.09
N PHE C 196 -13.81 47.53 -8.88
CA PHE C 196 -12.44 47.54 -8.38
C PHE C 196 -11.77 46.17 -8.49
N GLY C 197 -12.27 45.38 -9.45
CA GLY C 197 -11.62 44.14 -9.90
C GLY C 197 -11.88 42.89 -9.09
N VAL C 198 -12.77 42.97 -8.10
CA VAL C 198 -13.06 41.81 -7.26
C VAL C 198 -13.69 40.74 -8.15
N LEU C 199 -13.16 39.52 -8.05
CA LEU C 199 -13.51 38.43 -8.98
C LEU C 199 -14.84 37.78 -8.66
N CYS C 200 -15.07 37.54 -7.37
CA CYS C 200 -16.21 36.76 -6.93
C CYS C 200 -16.41 36.89 -5.42
N VAL C 201 -17.53 36.37 -4.95
CA VAL C 201 -17.93 36.56 -3.57
C VAL C 201 -18.12 35.18 -2.90
N GLU C 202 -17.68 35.09 -1.66
CA GLU C 202 -17.67 33.86 -0.86
C GLU C 202 -17.71 34.30 0.59
N MSE C 203 -17.62 33.39 1.57
CA MSE C 203 -17.90 33.81 2.96
C MSE C 203 -16.90 33.39 4.02
O MSE C 203 -17.21 33.46 5.21
CB MSE C 203 -19.31 33.34 3.36
CG MSE C 203 -20.34 33.89 2.39
SE MSE C 203 -22.17 33.53 3.05
CE MSE C 203 -22.25 34.81 4.53
N GLU C 204 -15.70 33.01 3.63
CA GLU C 204 -14.77 32.39 4.59
C GLU C 204 -13.34 32.88 4.53
N THR C 205 -12.87 33.24 3.33
CA THR C 205 -11.43 33.37 3.05
C THR C 205 -10.67 34.43 3.86
N ALA C 206 -11.24 35.63 4.02
CA ALA C 206 -10.59 36.65 4.85
C ALA C 206 -10.20 36.12 6.23
N GLN C 207 -11.06 35.30 6.83
CA GLN C 207 -10.75 34.70 8.13
C GLN C 207 -9.67 33.61 8.05
N LEU C 208 -9.81 32.69 7.10
CA LEU C 208 -8.78 31.66 6.93
C LEU C 208 -7.38 32.27 6.77
N TYR C 209 -7.24 33.23 5.86
CA TYR C 209 -5.94 33.84 5.59
C TYR C 209 -5.40 34.59 6.80
N THR C 210 -6.29 35.26 7.54
CA THR C 210 -5.88 36.03 8.71
C THR C 210 -5.35 35.08 9.82
N THR C 211 -6.12 34.03 10.11
CA THR C 211 -5.77 33.07 11.13
C THR C 211 -4.47 32.34 10.78
N ALA C 212 -4.34 31.91 9.52
CA ALA C 212 -3.11 31.25 9.06
C ALA C 212 -1.89 32.15 9.27
N ALA C 213 -1.99 33.41 8.83
CA ALA C 213 -0.90 34.36 8.96
C ALA C 213 -0.54 34.58 10.43
N LYS C 214 -1.56 34.83 11.26
CA LYS C 214 -1.35 34.99 12.71
C LYS C 214 -0.59 33.83 13.35
N LEU C 215 -0.94 32.62 12.96
CA LEU C 215 -0.43 31.40 13.58
C LEU C 215 0.75 30.81 12.82
N GLY C 216 1.18 31.51 11.77
CA GLY C 216 2.40 31.14 11.04
C GLY C 216 2.32 29.87 10.22
N VAL C 217 1.14 29.56 9.67
CA VAL C 217 0.97 28.37 8.83
C VAL C 217 0.47 28.79 7.42
N ASN C 218 0.16 27.82 6.57
CA ASN C 218 -0.06 28.12 5.16
C ASN C 218 -1.49 27.85 4.74
N ALA C 219 -2.06 28.79 4.00
CA ALA C 219 -3.47 28.68 3.58
C ALA C 219 -3.67 29.11 2.13
N LEU C 220 -4.65 28.49 1.50
CA LEU C 220 -5.01 28.82 0.14
C LEU C 220 -6.48 28.55 0.00
N THR C 221 -7.17 29.40 -0.74
CA THR C 221 -8.57 29.14 -1.12
C THR C 221 -8.66 28.95 -2.62
N LEU C 222 -9.29 27.84 -3.01
CA LEU C 222 -9.70 27.59 -4.38
C LEU C 222 -11.21 27.64 -4.41
N LEU C 223 -11.76 28.20 -5.48
CA LEU C 223 -13.20 28.35 -5.59
C LEU C 223 -13.71 27.92 -6.95
N THR C 224 -14.80 27.15 -6.93
CA THR C 224 -15.57 26.88 -8.14
C THR C 224 -16.67 27.92 -8.25
N ILE C 225 -16.84 28.49 -9.44
CA ILE C 225 -17.90 29.49 -9.67
C ILE C 225 -19.26 28.81 -9.91
N SER C 226 -20.16 28.94 -8.93
CA SER C 226 -21.49 28.30 -8.95
CA SER C 226 -21.45 28.26 -9.00
C SER C 226 -22.44 28.99 -9.91
N ASP C 227 -22.30 30.33 -10.02
CA ASP C 227 -23.21 31.19 -10.78
C ASP C 227 -22.57 32.58 -11.03
N SER C 228 -23.34 33.45 -11.68
CA SER C 228 -22.84 34.76 -12.08
C SER C 228 -23.80 35.86 -11.66
N PHE C 229 -23.26 36.96 -11.14
CA PHE C 229 -24.10 38.14 -10.89
C PHE C 229 -24.39 38.85 -12.21
N ILE C 230 -23.81 38.33 -13.30
CA ILE C 230 -23.87 38.98 -14.60
C ILE C 230 -24.69 38.17 -15.59
N THR C 231 -24.18 36.99 -15.94
CA THR C 231 -24.88 36.11 -16.90
C THR C 231 -25.79 35.14 -16.16
N HIS C 232 -26.53 34.35 -16.92
CA HIS C 232 -27.49 33.42 -16.35
C HIS C 232 -27.43 32.06 -17.06
N GLU C 233 -26.21 31.63 -17.35
CA GLU C 233 -25.94 30.35 -18.01
C GLU C 233 -26.15 29.19 -17.03
N VAL C 234 -26.84 28.16 -17.52
CA VAL C 234 -27.20 27.00 -16.71
C VAL C 234 -26.29 25.80 -17.00
N THR C 235 -25.89 25.10 -15.94
CA THR C 235 -25.00 23.92 -16.04
C THR C 235 -25.70 22.68 -15.46
N SER C 236 -25.43 21.50 -16.03
CA SER C 236 -26.02 20.26 -15.52
C SER C 236 -25.34 19.79 -14.24
N ALA C 237 -25.93 18.79 -13.58
CA ALA C 237 -25.34 18.21 -12.37
C ALA C 237 -24.02 17.50 -12.71
N GLU C 238 -24.02 16.75 -13.80
CA GLU C 238 -22.84 16.00 -14.26
C GLU C 238 -21.68 16.95 -14.58
N GLU C 239 -22.00 18.10 -15.16
CA GLU C 239 -21.02 19.16 -15.43
C GLU C 239 -20.43 19.77 -14.15
N ARG C 240 -21.28 20.02 -13.15
CA ARG C 240 -20.86 20.62 -11.89
C ARG C 240 -20.05 19.68 -10.98
N GLN C 241 -20.26 18.38 -11.10
CA GLN C 241 -19.40 17.43 -10.38
C GLN C 241 -18.04 17.28 -11.05
N THR C 242 -18.01 17.38 -12.39
CA THR C 242 -16.76 17.34 -13.16
C THR C 242 -15.79 18.45 -12.78
N THR C 243 -16.30 19.69 -12.77
CA THR C 243 -15.49 20.86 -12.52
C THR C 243 -15.07 20.86 -11.05
N PHE C 244 -16.00 20.41 -10.20
CA PHE C 244 -15.74 20.31 -8.78
C PHE C 244 -14.61 19.30 -8.53
N ASN C 245 -14.72 18.14 -9.13
CA ASN C 245 -13.65 17.16 -9.09
C ASN C 245 -12.28 17.70 -9.52
N GLU C 246 -12.27 18.61 -10.50
CA GLU C 246 -11.05 19.25 -10.99
C GLU C 246 -10.43 20.17 -9.94
N MSE C 247 -11.27 20.96 -9.26
CA MSE C 247 -10.84 21.82 -8.14
C MSE C 247 -10.26 20.92 -7.05
O MSE C 247 -9.16 21.18 -6.55
CB MSE C 247 -11.94 22.76 -7.60
CG MSE C 247 -11.92 22.95 -6.07
SE MSE C 247 -13.11 24.38 -5.38
CE MSE C 247 -14.62 23.36 -4.63
N ILE C 248 -10.97 19.86 -6.70
CA ILE C 248 -10.49 18.94 -5.67
C ILE C 248 -9.17 18.30 -6.09
N GLU C 249 -9.08 17.90 -7.36
CA GLU C 249 -7.85 17.37 -7.94
C GLU C 249 -6.71 18.36 -7.82
N VAL C 250 -6.95 19.61 -8.20
CA VAL C 250 -5.97 20.69 -8.01
C VAL C 250 -5.53 20.81 -6.54
N ALA C 251 -6.50 20.84 -5.61
CA ALA C 251 -6.17 20.90 -4.17
C ALA C 251 -5.34 19.73 -3.68
N LEU C 252 -5.70 18.52 -4.12
CA LEU C 252 -5.04 17.31 -3.65
C LEU C 252 -3.66 17.16 -4.25
N GLU C 253 -3.50 17.51 -5.53
CA GLU C 253 -2.19 17.51 -6.17
C GLU C 253 -1.26 18.56 -5.57
N THR C 254 -1.82 19.71 -5.16
CA THR C 254 -1.09 20.71 -4.37
C THR C 254 -0.59 20.15 -3.03
N ALA C 255 -1.50 19.53 -2.28
CA ALA C 255 -1.21 18.91 -0.98
C ALA C 255 -0.10 17.87 -1.06
N LEU C 256 -0.11 17.12 -2.15
CA LEU C 256 0.89 16.12 -2.47
C LEU C 256 2.31 16.66 -2.42
N GLN C 257 2.52 17.91 -2.84
CA GLN C 257 3.90 18.44 -2.85
C GLN C 257 4.26 19.39 -1.72
N LEU C 258 3.51 19.31 -0.62
CA LEU C 258 3.82 20.07 0.59
C LEU C 258 4.50 19.22 1.65
P PO4 D . 15.50 -8.79 0.16
O1 PO4 D . 15.20 -7.84 -0.97
O2 PO4 D . 14.25 -9.51 0.56
O3 PO4 D . 16.52 -9.79 -0.31
O4 PO4 D . 16.05 -7.98 1.30
P PO4 E . -4.53 -14.34 1.44
O1 PO4 E . -5.59 -13.42 0.91
O2 PO4 E . -4.70 -15.74 0.91
O3 PO4 E . -3.16 -13.85 1.06
O4 PO4 E . -4.70 -14.37 2.95
P PO4 F . -18.78 26.56 0.46
O1 PO4 F . -18.17 27.87 0.01
O2 PO4 F . -19.58 26.82 1.72
O3 PO4 F . -19.64 25.99 -0.61
O4 PO4 F . -17.66 25.58 0.70
#